data_4YFD
#
_entry.id   4YFD
#
_cell.length_a   77.497
_cell.length_b   63.306
_cell.length_c   169.350
_cell.angle_alpha   90.00
_cell.angle_beta   94.23
_cell.angle_gamma   90.00
#
_symmetry.space_group_name_H-M   'P 1 2 1'
#
loop_
_entity.id
_entity.type
_entity.pdbx_description
1 polymer 'Interleukin-1 receptor accessory protein'
2 polymer 'Receptor-type tyrosine-protein phosphatase delta'
3 non-polymer 2-acetamido-2-deoxy-beta-D-glucopyranose
#
loop_
_entity_poly.entity_id
_entity_poly.type
_entity_poly.pdbx_seq_one_letter_code
_entity_poly.pdbx_strand_id
1 'polypeptide(L)'
;SERCDDWGLDTMRQIQVFEDEPARIKCPLFEHFLKYNYSTAHSSGLTLIWYWTRQDRDLEEPINFRLPENRISKEKDVLW
FRPTLLNDTGNYTCMLRNTTYCSKVAFPLEVVQKDSCFNSAMRFPVHKMYIEHGIHKITCPNVDGYFPSSVKPSVTWYKG
CTEIVDFHNVLPEGMNLSFFIPLVSNNGNYTCVVTYPENGRLFHLTRTVTVKVVGSPKDALPPQIYSPNDRVVYEKEPGE
ELVIPCKVYFSFIMDSHNEVWWTIDGKKPDDVTVDITINESVSYSSTEDETRTQILSIKKVTPEDLRRNYVCHARNTKGE
AEQAAKVKQKVAAHHHHHH
;
B
2 'polypeptide(L)'
;ETPPRFTRTPVDQTGVSGGVASFICQATGDPRPKIVWNKKGKKVSNQRFEVIEFDDGSGSVLRIQPLRTPRDEAIYECVA
SNNVGEISVSTRLTVLREDQIPRGFPTIDMGPQLKVVERTRTATMLCAASGNPDPEITWFKDFLPVDTSNNNGRIKQLRS
ESIGGTPIRGALQIEQSEESDQGKYECVATNSAGTRYSAPANLYVRELREVRRVPPRFSIPPTNHEIMPGGSVNITCVAV
GSPMPYVKWMLGAEDLTPEDDMPIGRNVLELNDVRQSANYTCVAMSTLGVIEAIAQITVKALPKPPGTPVVTESTATSIT
LTWDSGNPEPVSYYIIQHKPKNSEEPYKEIDGIATTRYSVAGLSPYSDYEFRVVAVNNIGRGPASEPVLTQTSEQAPSSA
PRDVQARMLSSTTILVQWKEPEEPNGQIQGYRVYYTMDPTQHVNNWMKHNVADSQITTIGNLVPQKTYSVKVLAFTSIGD
GPLSSDIQVIT
;
A
#
# COMPACT_ATOMS: atom_id res chain seq x y z
N CYS A 4 8.25 -0.04 -2.34
CA CYS A 4 7.18 0.95 -2.40
C CYS A 4 7.43 1.98 -3.50
N ASP A 5 6.39 2.26 -4.28
CA ASP A 5 6.45 3.31 -5.30
C ASP A 5 6.68 4.67 -4.64
N ASP A 6 7.85 5.25 -4.89
CA ASP A 6 8.20 6.53 -4.29
C ASP A 6 8.17 7.65 -5.32
N TRP A 7 7.46 8.73 -5.00
CA TRP A 7 7.40 9.89 -5.87
C TRP A 7 8.27 11.03 -5.34
N GLY A 8 9.14 10.70 -4.39
CA GLY A 8 10.05 11.67 -3.82
C GLY A 8 9.37 12.90 -3.29
N LEU A 9 10.04 14.05 -3.39
CA LEU A 9 9.46 15.31 -2.96
C LEU A 9 8.60 15.92 -4.06
N ASP A 10 7.51 16.56 -3.66
CA ASP A 10 6.63 17.26 -4.61
C ASP A 10 6.71 18.76 -4.35
N THR A 11 7.86 19.33 -4.67
CA THR A 11 8.10 20.76 -4.46
C THR A 11 7.24 21.62 -5.38
N MET A 12 6.74 21.00 -6.45
CA MET A 12 5.87 21.67 -7.42
C MET A 12 4.72 22.38 -6.74
N ARG A 13 4.26 21.84 -5.63
CA ARG A 13 3.24 22.48 -4.82
C ARG A 13 3.84 22.91 -3.48
N GLN A 14 4.52 24.05 -3.50
CA GLN A 14 5.08 24.63 -2.28
C GLN A 14 3.96 25.23 -1.45
N ILE A 15 3.80 24.72 -0.22
CA ILE A 15 2.65 25.07 0.60
C ILE A 15 3.03 26.00 1.76
N GLN A 16 2.30 27.11 1.86
CA GLN A 16 2.53 28.09 2.90
C GLN A 16 1.26 28.42 3.67
N VAL A 17 1.36 28.42 4.99
CA VAL A 17 0.20 28.68 5.85
C VAL A 17 0.58 29.46 7.10
N PHE A 18 -0.23 30.47 7.42
CA PHE A 18 0.04 31.36 8.54
C PHE A 18 0.01 30.67 9.91
N GLU A 19 0.91 31.13 10.78
CA GLU A 19 0.98 30.66 12.16
C GLU A 19 -0.33 30.87 12.92
N ASP A 20 -0.66 29.91 13.78
CA ASP A 20 -1.80 30.01 14.69
C ASP A 20 -3.13 30.14 13.96
N GLU A 21 -3.24 29.48 12.81
CA GLU A 21 -4.48 29.49 12.04
C GLU A 21 -4.73 28.11 11.42
N PRO A 22 -6.00 27.66 11.42
CA PRO A 22 -6.36 26.36 10.85
C PRO A 22 -5.87 26.15 9.42
N ALA A 23 -4.96 25.21 9.24
CA ALA A 23 -4.62 24.72 7.91
C ALA A 23 -5.29 23.37 7.71
N ARG A 24 -5.44 22.96 6.47
CA ARG A 24 -5.85 21.59 6.21
C ARG A 24 -5.19 21.08 4.93
N ILE A 25 -4.33 20.09 5.10
CA ILE A 25 -3.49 19.63 4.00
C ILE A 25 -4.04 18.36 3.35
N LYS A 26 -4.40 18.45 2.08
CA LYS A 26 -4.83 17.28 1.34
C LYS A 26 -3.60 16.45 0.98
N CYS A 27 -3.80 15.18 0.66
CA CYS A 27 -2.70 14.29 0.32
C CYS A 27 -2.51 14.20 -1.19
N PRO A 28 -1.35 14.67 -1.68
CA PRO A 28 -1.02 14.76 -3.12
C PRO A 28 -1.38 13.51 -3.91
N LEU A 29 -0.81 12.36 -3.56
CA LEU A 29 -0.94 11.14 -4.37
C LEU A 29 -2.38 10.81 -4.79
N PHE A 30 -3.36 11.08 -3.94
CA PHE A 30 -4.72 10.58 -4.17
C PHE A 30 -5.37 11.01 -5.49
N GLU A 31 -5.25 12.28 -5.86
CA GLU A 31 -5.84 12.72 -7.11
C GLU A 31 -4.77 13.25 -8.07
N HIS A 32 -3.66 13.71 -7.52
CA HIS A 32 -2.57 14.26 -8.32
C HIS A 32 -1.87 13.18 -9.14
N PHE A 33 -1.40 12.14 -8.47
CA PHE A 33 -0.71 11.04 -9.13
C PHE A 33 -1.63 9.83 -9.30
N LEU A 34 -2.11 9.29 -8.18
CA LEU A 34 -3.04 8.16 -8.23
C LEU A 34 -4.38 8.61 -8.77
N LYS A 35 -5.13 7.66 -9.34
CA LYS A 35 -6.40 7.96 -9.97
C LYS A 35 -7.58 7.71 -9.04
N TYR A 36 -7.29 7.47 -7.77
CA TYR A 36 -8.30 6.94 -6.86
C TYR A 36 -8.70 7.94 -5.77
N ASN A 37 -9.99 8.20 -5.60
CA ASN A 37 -10.43 8.94 -4.41
C ASN A 37 -10.08 8.15 -3.17
N TYR A 38 -10.14 8.82 -2.03
CA TYR A 38 -9.90 8.16 -0.76
C TYR A 38 -10.92 7.04 -0.57
N SER A 39 -12.14 7.27 -1.03
CA SER A 39 -13.25 6.34 -0.86
C SER A 39 -13.01 4.99 -1.53
N THR A 40 -12.72 5.01 -2.83
CA THR A 40 -12.52 3.77 -3.58
C THR A 40 -11.18 3.14 -3.27
N ALA A 41 -10.38 3.80 -2.44
CA ALA A 41 -9.09 3.25 -2.02
C ALA A 41 -9.17 2.74 -0.59
N HIS A 42 -10.02 3.35 0.21
CA HIS A 42 -10.25 2.90 1.57
C HIS A 42 -11.08 1.63 1.56
N SER A 43 -12.02 1.57 0.63
CA SER A 43 -12.88 0.40 0.47
C SER A 43 -12.08 -0.79 -0.03
N SER A 44 -10.97 -0.51 -0.70
CA SER A 44 -10.13 -1.55 -1.28
C SER A 44 -9.06 -2.04 -0.30
N GLY A 45 -9.33 -1.89 0.99
CA GLY A 45 -8.48 -2.44 2.02
C GLY A 45 -7.19 -1.67 2.29
N LEU A 46 -6.95 -0.61 1.52
CA LEU A 46 -5.73 0.17 1.68
C LEU A 46 -5.79 1.12 2.86
N THR A 47 -4.63 1.49 3.38
CA THR A 47 -4.55 2.35 4.55
C THR A 47 -3.68 3.58 4.29
N LEU A 48 -4.25 4.77 4.54
CA LEU A 48 -3.50 6.01 4.42
C LEU A 48 -2.78 6.31 5.72
N ILE A 49 -1.45 6.43 5.65
CA ILE A 49 -0.67 6.73 6.85
C ILE A 49 0.27 7.91 6.59
N TRP A 50 0.36 8.81 7.57
CA TRP A 50 1.16 10.03 7.44
C TRP A 50 2.46 9.95 8.26
N TYR A 51 3.55 10.40 7.66
CA TYR A 51 4.80 10.61 8.37
C TYR A 51 5.37 11.98 8.01
N TRP A 52 6.12 12.58 8.93
CA TRP A 52 6.71 13.88 8.67
C TRP A 52 8.13 13.97 9.21
N THR A 53 8.97 14.71 8.49
CA THR A 53 10.28 15.06 8.99
C THR A 53 10.30 16.56 9.26
N ARG A 54 10.43 16.94 10.52
CA ARG A 54 10.59 18.34 10.84
C ARG A 54 11.85 18.86 10.16
N GLN A 55 11.73 19.99 9.47
CA GLN A 55 12.89 20.62 8.85
C GLN A 55 13.92 20.90 9.94
N ASP A 56 15.19 20.72 9.58
CA ASP A 56 16.34 20.73 10.49
C ASP A 56 16.43 19.46 11.33
N ARG A 57 15.82 18.38 10.83
CA ARG A 57 15.96 17.07 11.46
C ARG A 57 16.07 15.99 10.40
N ASP A 58 16.70 14.88 10.78
CA ASP A 58 17.00 13.81 9.83
C ASP A 58 15.91 12.74 9.77
N LEU A 59 15.39 12.39 10.93
CA LEU A 59 14.51 11.23 11.08
C LEU A 59 13.03 11.58 10.99
N GLU A 60 12.25 10.68 10.38
CA GLU A 60 10.81 10.87 10.26
C GLU A 60 10.07 10.35 11.48
N GLU A 61 9.07 11.11 11.92
CA GLU A 61 8.19 10.67 12.99
C GLU A 61 6.80 10.37 12.44
N PRO A 62 6.07 9.45 13.08
CA PRO A 62 4.62 9.43 12.88
C PRO A 62 3.98 10.46 13.80
N ILE A 63 2.74 10.85 13.53
CA ILE A 63 2.09 11.88 14.32
C ILE A 63 1.03 11.30 15.24
N ASN A 64 1.19 11.51 16.54
CA ASN A 64 0.23 11.00 17.52
C ASN A 64 -1.05 11.81 17.52
N PHE A 65 -2.13 11.22 17.05
CA PHE A 65 -3.43 11.90 16.97
C PHE A 65 -4.09 12.04 18.34
N ARG A 66 -3.82 11.08 19.23
CA ARG A 66 -4.38 11.08 20.56
C ARG A 66 -3.67 12.10 21.46
N LEU A 67 -3.77 13.37 21.08
CA LEU A 67 -3.03 14.46 21.71
C LEU A 67 -3.98 15.66 21.96
N PRO A 68 -3.58 16.62 22.83
CA PRO A 68 -4.57 17.56 23.40
C PRO A 68 -5.36 18.38 22.37
N GLU A 69 -6.67 18.47 22.61
CA GLU A 69 -7.60 19.23 21.78
C GLU A 69 -7.52 18.85 20.30
N ASN A 70 -7.08 17.63 20.03
CA ASN A 70 -6.83 17.13 18.68
C ASN A 70 -6.23 18.21 17.79
N ARG A 71 -5.15 18.83 18.26
CA ARG A 71 -4.50 19.93 17.58
C ARG A 71 -4.17 19.55 16.16
N ILE A 72 -3.60 18.36 16.00
CA ILE A 72 -3.50 17.73 14.69
C ILE A 72 -4.50 16.59 14.63
N SER A 73 -5.33 16.57 13.59
CA SER A 73 -6.27 15.49 13.38
C SER A 73 -6.18 14.99 11.94
N LYS A 74 -6.86 13.89 11.65
CA LYS A 74 -6.89 13.34 10.30
C LYS A 74 -8.31 13.04 9.87
N GLU A 75 -8.68 13.52 8.69
CA GLU A 75 -9.98 13.22 8.12
C GLU A 75 -9.81 12.85 6.65
N LYS A 76 -10.05 11.57 6.35
CA LYS A 76 -9.91 11.04 5.00
C LYS A 76 -8.50 11.28 4.44
N ASP A 77 -8.44 11.94 3.28
CA ASP A 77 -7.18 12.22 2.63
C ASP A 77 -6.54 13.50 3.15
N VAL A 78 -7.26 14.21 4.00
CA VAL A 78 -6.78 15.47 4.54
C VAL A 78 -6.27 15.28 5.97
N LEU A 79 -5.28 16.07 6.36
CA LEU A 79 -4.86 16.10 7.75
C LEU A 79 -5.01 17.54 8.26
N TRP A 80 -5.68 17.68 9.40
CA TRP A 80 -6.09 18.98 9.90
C TRP A 80 -5.16 19.54 10.97
N PHE A 81 -4.93 20.85 10.90
CA PHE A 81 -4.24 21.57 11.95
C PHE A 81 -5.21 22.60 12.52
N ARG A 82 -5.47 22.54 13.83
CA ARG A 82 -6.41 23.48 14.45
C ARG A 82 -5.94 23.92 15.83
N PRO A 83 -5.05 24.93 15.89
CA PRO A 83 -4.46 25.66 14.78
C PRO A 83 -3.13 25.03 14.36
N THR A 84 -2.37 25.73 13.54
CA THR A 84 -1.00 25.30 13.26
C THR A 84 -0.07 25.82 14.33
N LEU A 85 1.20 25.51 14.18
CA LEU A 85 2.24 26.09 15.02
C LEU A 85 3.48 26.34 14.18
N LEU A 86 4.34 27.23 14.64
CA LEU A 86 5.60 27.52 13.94
C LEU A 86 6.44 26.25 13.84
N ASN A 87 6.34 25.42 14.85
CA ASN A 87 7.10 24.18 14.91
C ASN A 87 6.67 23.14 13.87
N ASP A 88 5.46 23.30 13.34
CA ASP A 88 4.86 22.31 12.44
C ASP A 88 5.53 22.25 11.07
N THR A 89 6.49 23.14 10.84
CA THR A 89 7.12 23.27 9.53
C THR A 89 8.06 22.11 9.21
N GLY A 90 7.82 21.45 8.07
CA GLY A 90 8.68 20.37 7.62
C GLY A 90 8.27 19.71 6.31
N ASN A 91 8.96 18.62 5.97
CA ASN A 91 8.60 17.81 4.82
C ASN A 91 7.67 16.67 5.23
N TYR A 92 6.49 16.61 4.62
CA TYR A 92 5.48 15.63 5.02
C TYR A 92 5.32 14.50 4.00
N THR A 93 5.16 13.28 4.50
CA THR A 93 5.03 12.11 3.65
C THR A 93 3.73 11.36 3.92
N CYS A 94 2.91 11.20 2.89
CA CYS A 94 1.69 10.41 3.02
C CYS A 94 1.82 9.11 2.22
N MET A 95 1.29 8.02 2.77
CA MET A 95 1.50 6.70 2.20
C MET A 95 0.19 5.92 2.04
N LEU A 96 0.10 5.14 0.96
CA LEU A 96 -1.03 4.27 0.69
C LEU A 96 -0.54 2.83 0.54
N ARG A 97 -1.00 1.89 1.37
CA ARG A 97 -0.46 0.54 1.22
C ARG A 97 -1.34 -0.65 1.61
N ASN A 98 -1.49 -1.57 0.66
CA ASN A 98 -1.89 -2.94 0.93
C ASN A 98 -0.66 -3.67 1.46
N THR A 99 -0.77 -4.96 1.76
CA THR A 99 0.39 -5.74 2.16
C THR A 99 1.33 -5.87 0.98
N THR A 100 0.75 -5.85 -0.21
CA THR A 100 1.48 -6.07 -1.45
C THR A 100 1.72 -4.76 -2.21
N TYR A 101 1.21 -3.67 -1.67
CA TYR A 101 1.21 -2.39 -2.38
C TYR A 101 1.81 -1.28 -1.53
N CYS A 102 2.40 -0.29 -2.19
CA CYS A 102 2.82 0.95 -1.53
C CYS A 102 3.12 2.06 -2.53
N SER A 103 2.30 3.10 -2.51
CA SER A 103 2.62 4.36 -3.16
C SER A 103 2.81 5.41 -2.07
N LYS A 104 3.79 6.29 -2.23
CA LYS A 104 4.01 7.33 -1.24
C LYS A 104 4.66 8.56 -1.87
N VAL A 105 4.28 9.74 -1.38
CA VAL A 105 4.79 10.99 -1.90
C VAL A 105 5.12 11.93 -0.75
N ALA A 106 6.01 12.89 -1.01
CA ALA A 106 6.35 13.89 -0.02
C ALA A 106 6.09 15.28 -0.57
N PHE A 107 6.06 16.26 0.33
CA PHE A 107 5.86 17.66 -0.06
C PHE A 107 6.24 18.54 1.12
N PRO A 108 6.72 19.75 0.84
CA PRO A 108 7.10 20.62 1.95
C PRO A 108 5.90 21.39 2.51
N LEU A 109 5.97 21.75 3.78
CA LEU A 109 4.96 22.61 4.38
C LEU A 109 5.65 23.70 5.17
N GLU A 110 5.26 24.95 4.92
CA GLU A 110 5.92 26.08 5.55
C GLU A 110 4.94 26.92 6.37
N VAL A 111 5.09 26.88 7.69
CA VAL A 111 4.32 27.75 8.56
C VAL A 111 4.99 29.12 8.60
N VAL A 112 4.22 30.16 8.30
CA VAL A 112 4.75 31.49 8.08
C VAL A 112 4.22 32.50 9.09
N GLN A 113 5.10 33.36 9.61
CA GLN A 113 4.71 34.38 10.57
C GLN A 113 4.00 35.55 9.90
N LYS A 114 3.30 36.34 10.69
CA LYS A 114 2.32 37.29 10.17
C LYS A 114 2.19 38.54 11.02
N ASP A 115 2.93 39.59 10.66
CA ASP A 115 2.89 40.86 11.37
C ASP A 115 1.49 41.46 11.34
N SER A 116 1.14 42.22 12.37
CA SER A 116 -0.23 42.69 12.56
C SER A 116 -0.71 43.66 11.47
N CYS A 117 0.18 44.02 10.55
CA CYS A 117 -0.22 44.78 9.37
C CYS A 117 -0.26 43.85 8.16
N PHE A 118 -0.36 42.56 8.44
CA PHE A 118 -0.52 41.51 7.43
C PHE A 118 0.67 41.42 6.48
N ASN A 119 1.78 42.08 6.84
CA ASN A 119 3.01 41.90 6.09
C ASN A 119 3.64 40.57 6.45
N SER A 120 3.68 39.67 5.48
CA SER A 120 4.15 38.31 5.70
C SER A 120 5.06 37.86 4.56
N ALA A 121 5.58 36.65 4.69
CA ALA A 121 6.44 36.08 3.67
C ALA A 121 5.64 35.38 2.57
N MET A 122 4.33 35.64 2.55
CA MET A 122 3.44 34.91 1.65
C MET A 122 3.24 35.57 0.29
N ARG A 123 2.64 34.81 -0.62
CA ARG A 123 2.50 35.20 -2.02
C ARG A 123 1.05 35.49 -2.42
N PHE A 124 0.69 36.77 -2.41
CA PHE A 124 -0.67 37.16 -2.77
C PHE A 124 -0.91 36.96 -4.25
N PRO A 125 -2.12 36.52 -4.63
CA PRO A 125 -2.49 36.46 -6.04
C PRO A 125 -2.91 37.86 -6.52
N VAL A 126 -3.13 38.02 -7.82
CA VAL A 126 -3.43 39.35 -8.35
C VAL A 126 -4.73 39.39 -9.16
N HIS A 127 -5.70 40.16 -8.67
CA HIS A 127 -6.96 40.37 -9.36
C HIS A 127 -6.94 41.69 -10.13
N LYS A 128 -7.38 41.66 -11.39
CA LYS A 128 -7.39 42.86 -12.21
C LYS A 128 -8.80 43.28 -12.58
N MET A 129 -9.22 44.45 -12.09
CA MET A 129 -10.55 44.96 -12.35
C MET A 129 -10.53 45.97 -13.49
N TYR A 130 -11.43 45.82 -14.45
CA TYR A 130 -11.56 46.79 -15.53
C TYR A 130 -12.09 48.11 -14.95
N ILE A 131 -11.54 49.21 -15.44
CA ILE A 131 -11.81 50.51 -14.85
C ILE A 131 -13.16 51.08 -15.30
N GLU A 132 -13.96 51.49 -14.31
CA GLU A 132 -15.32 51.98 -14.53
C GLU A 132 -16.13 51.03 -15.40
N HIS A 133 -15.97 49.73 -15.12
CA HIS A 133 -16.79 48.70 -15.73
C HIS A 133 -17.75 48.19 -14.66
N GLY A 134 -18.24 49.12 -13.85
CA GLY A 134 -19.20 48.82 -12.80
C GLY A 134 -18.64 48.02 -11.65
N ILE A 135 -19.42 47.05 -11.18
CA ILE A 135 -18.99 46.21 -10.07
C ILE A 135 -18.04 45.09 -10.49
N HIS A 136 -16.96 44.96 -9.73
CA HIS A 136 -16.21 43.71 -9.70
C HIS A 136 -16.08 43.29 -8.25
N LYS A 137 -16.58 42.10 -7.93
CA LYS A 137 -16.54 41.61 -6.57
C LYS A 137 -15.36 40.68 -6.33
N ILE A 138 -14.66 40.91 -5.22
CA ILE A 138 -13.60 40.03 -4.79
C ILE A 138 -14.14 39.02 -3.80
N THR A 139 -13.78 37.75 -3.99
CA THR A 139 -14.16 36.70 -3.06
C THR A 139 -12.95 36.26 -2.22
N CYS A 140 -13.13 36.20 -0.90
CA CYS A 140 -12.11 35.69 -0.01
C CYS A 140 -11.79 34.24 -0.37
N PRO A 141 -10.52 33.97 -0.68
CA PRO A 141 -10.12 32.69 -1.26
C PRO A 141 -9.73 31.63 -0.23
N ASN A 142 -9.81 30.36 -0.62
CA ASN A 142 -9.30 29.23 0.17
C ASN A 142 -10.04 29.02 1.48
N VAL A 143 -11.35 29.33 1.52
CA VAL A 143 -12.10 29.26 2.76
C VAL A 143 -13.02 28.03 2.79
N ASP A 144 -13.17 27.37 1.65
CA ASP A 144 -14.03 26.19 1.55
C ASP A 144 -13.63 25.06 2.49
N GLY A 145 -14.64 24.50 3.18
CA GLY A 145 -14.45 23.30 3.97
C GLY A 145 -13.64 23.44 5.24
N TYR A 146 -13.72 24.61 5.88
CA TYR A 146 -13.07 24.82 7.17
C TYR A 146 -14.14 24.83 8.24
N PHE A 147 -15.38 24.86 7.78
CA PHE A 147 -16.56 24.90 8.63
C PHE A 147 -17.77 24.64 7.73
N PRO A 148 -18.88 24.16 8.30
CA PRO A 148 -20.01 23.82 7.44
C PRO A 148 -21.08 24.91 7.35
N SER A 149 -22.21 24.58 6.72
CA SER A 149 -23.32 25.51 6.59
C SER A 149 -23.87 25.87 7.97
N SER A 150 -23.75 24.92 8.89
CA SER A 150 -24.27 25.07 10.25
C SER A 150 -23.74 26.32 10.96
N VAL A 151 -22.63 26.86 10.47
CA VAL A 151 -22.01 28.01 11.09
C VAL A 151 -21.81 29.15 10.07
N LYS A 152 -21.93 30.39 10.54
CA LYS A 152 -21.71 31.56 9.70
C LYS A 152 -20.56 32.41 10.24
N PRO A 153 -19.54 32.66 9.40
CA PRO A 153 -18.35 33.39 9.83
C PRO A 153 -18.52 34.91 9.79
N SER A 154 -17.56 35.61 10.41
CA SER A 154 -17.54 37.07 10.42
C SER A 154 -16.23 37.58 9.82
N VAL A 155 -16.32 38.22 8.66
CA VAL A 155 -15.11 38.61 7.94
C VAL A 155 -14.84 40.11 7.98
N THR A 156 -13.81 40.49 8.72
CA THR A 156 -13.32 41.86 8.66
C THR A 156 -12.45 42.00 7.42
N TRP A 157 -12.69 43.03 6.62
CA TRP A 157 -11.87 43.31 5.45
C TRP A 157 -10.85 44.42 5.76
N TYR A 158 -9.74 44.41 5.03
CA TYR A 158 -8.70 45.41 5.20
C TYR A 158 -8.11 45.85 3.87
N LYS A 159 -7.68 47.11 3.79
CA LYS A 159 -6.91 47.58 2.65
C LYS A 159 -5.52 47.96 3.13
N GLY A 160 -4.52 47.17 2.75
CA GLY A 160 -3.17 47.42 3.19
C GLY A 160 -2.97 47.05 4.66
N CYS A 161 -3.54 47.83 5.56
CA CYS A 161 -3.39 47.60 7.00
C CYS A 161 -4.52 48.27 7.79
N THR A 162 -5.48 48.87 7.07
CA THR A 162 -6.55 49.59 7.73
C THR A 162 -7.92 48.95 7.48
N GLU A 163 -8.69 48.78 8.54
CA GLU A 163 -10.02 48.18 8.44
C GLU A 163 -10.93 49.00 7.54
N ILE A 164 -11.72 48.31 6.73
CA ILE A 164 -12.67 48.96 5.83
C ILE A 164 -14.03 49.14 6.50
N VAL A 165 -14.43 50.40 6.68
CA VAL A 165 -15.70 50.71 7.33
C VAL A 165 -16.63 51.53 6.42
N ASP A 166 -16.23 52.75 6.10
CA ASP A 166 -17.00 53.63 5.23
C ASP A 166 -16.18 54.03 4.01
N PHE A 167 -16.66 53.70 2.82
CA PHE A 167 -15.88 53.95 1.61
C PHE A 167 -16.70 54.50 0.44
N HIS A 168 -15.99 55.17 -0.47
CA HIS A 168 -16.60 55.82 -1.63
C HIS A 168 -17.31 54.82 -2.53
N ASN A 169 -16.75 53.62 -2.64
CA ASN A 169 -17.26 52.65 -3.59
C ASN A 169 -16.94 51.21 -3.20
N VAL A 170 -16.31 51.05 -2.05
CA VAL A 170 -15.94 49.71 -1.57
C VAL A 170 -16.88 49.24 -0.49
N LEU A 171 -17.61 48.17 -0.77
CA LEU A 171 -18.57 47.62 0.18
C LEU A 171 -18.23 46.18 0.54
N PRO A 172 -18.07 45.91 1.85
CA PRO A 172 -17.78 44.55 2.29
C PRO A 172 -19.05 43.73 2.52
N GLU A 173 -19.16 42.60 1.83
CA GLU A 173 -20.32 41.75 1.98
C GLU A 173 -19.91 40.39 2.56
N GLY A 174 -19.13 40.44 3.62
CA GLY A 174 -18.68 39.25 4.31
C GLY A 174 -17.57 38.53 3.57
N MET A 175 -17.94 37.47 2.87
CA MET A 175 -16.97 36.68 2.12
C MET A 175 -16.71 37.27 0.74
N ASN A 176 -17.38 38.37 0.44
CA ASN A 176 -17.19 39.08 -0.81
C ASN A 176 -16.91 40.55 -0.59
N LEU A 177 -16.05 41.13 -1.41
CA LEU A 177 -15.78 42.57 -1.37
C LEU A 177 -16.32 43.24 -2.62
N SER A 178 -17.22 44.19 -2.44
CA SER A 178 -17.87 44.86 -3.56
C SER A 178 -17.13 46.13 -3.97
N PHE A 179 -16.53 46.11 -5.15
CA PHE A 179 -16.00 47.33 -5.76
C PHE A 179 -16.98 47.86 -6.79
N PHE A 180 -17.65 48.95 -6.46
CA PHE A 180 -18.40 49.69 -7.47
C PHE A 180 -17.42 50.66 -8.09
N ILE A 181 -17.64 51.04 -9.36
CA ILE A 181 -16.80 51.99 -10.09
C ILE A 181 -15.32 52.03 -9.66
N PRO A 182 -14.59 50.94 -9.92
CA PRO A 182 -13.20 50.81 -9.45
C PRO A 182 -12.29 51.89 -10.01
N LEU A 183 -11.67 52.66 -9.12
CA LEU A 183 -10.78 53.73 -9.53
C LEU A 183 -9.34 53.39 -9.13
N VAL A 184 -8.39 53.81 -9.97
CA VAL A 184 -6.96 53.58 -9.72
C VAL A 184 -6.55 54.03 -8.32
N SER A 185 -7.31 54.98 -7.76
CA SER A 185 -7.15 55.40 -6.37
C SER A 185 -7.13 54.20 -5.43
N ASN A 186 -8.03 53.24 -5.65
CA ASN A 186 -7.98 51.99 -4.89
C ASN A 186 -7.28 50.86 -5.65
N ASN A 187 -5.98 50.75 -5.40
CA ASN A 187 -5.17 49.63 -5.82
C ASN A 187 -4.43 49.10 -4.59
N GLY A 188 -3.91 47.88 -4.66
CA GLY A 188 -3.10 47.36 -3.57
C GLY A 188 -3.55 46.03 -3.01
N ASN A 189 -2.82 45.52 -2.02
CA ASN A 189 -3.15 44.22 -1.44
C ASN A 189 -4.21 44.36 -0.34
N TYR A 190 -5.33 43.64 -0.54
CA TYR A 190 -6.48 43.65 0.36
C TYR A 190 -6.54 42.37 1.19
N THR A 191 -6.77 42.51 2.49
CA THR A 191 -6.79 41.34 3.37
C THR A 191 -8.15 41.10 4.02
N CYS A 192 -8.60 39.84 3.97
CA CYS A 192 -9.78 39.41 4.70
C CYS A 192 -9.37 38.54 5.88
N VAL A 193 -9.97 38.81 7.05
CA VAL A 193 -9.80 37.92 8.19
C VAL A 193 -11.15 37.30 8.53
N VAL A 194 -11.38 36.12 8.00
CA VAL A 194 -12.62 35.40 8.27
C VAL A 194 -12.49 34.67 9.60
N THR A 195 -13.40 34.98 10.51
CA THR A 195 -13.37 34.42 11.85
C THR A 195 -14.63 33.60 12.12
N TYR A 196 -14.44 32.44 12.72
CA TYR A 196 -15.51 31.48 12.95
C TYR A 196 -15.19 30.65 14.20
N PRO A 197 -16.23 30.26 14.95
CA PRO A 197 -16.00 29.42 16.14
C PRO A 197 -16.09 27.92 15.83
N GLU A 198 -15.34 27.13 16.57
CA GLU A 198 -15.39 25.68 16.43
C GLU A 198 -15.15 25.02 17.77
N ASN A 199 -16.18 24.36 18.30
CA ASN A 199 -16.13 23.71 19.60
C ASN A 199 -15.70 24.67 20.72
N GLY A 200 -16.33 25.83 20.79
CA GLY A 200 -16.10 26.76 21.88
C GLY A 200 -14.84 27.61 21.76
N ARG A 201 -14.10 27.44 20.67
CA ARG A 201 -12.92 28.26 20.44
C ARG A 201 -13.04 28.97 19.09
N LEU A 202 -12.48 30.18 19.01
CA LEU A 202 -12.59 30.98 17.79
C LEU A 202 -11.33 30.87 16.93
N PHE A 203 -11.53 30.57 15.66
CA PHE A 203 -10.43 30.42 14.72
C PHE A 203 -10.38 31.56 13.70
N HIS A 204 -9.19 31.94 13.30
CA HIS A 204 -9.02 33.02 12.34
C HIS A 204 -8.33 32.53 11.07
N LEU A 205 -8.82 32.99 9.92
CA LEU A 205 -8.20 32.72 8.64
C LEU A 205 -7.83 34.04 7.97
N THR A 206 -6.60 34.15 7.48
CA THR A 206 -6.11 35.41 6.92
C THR A 206 -5.59 35.26 5.49
N ARG A 207 -6.22 35.98 4.56
CA ARG A 207 -5.82 35.93 3.16
C ARG A 207 -5.77 37.32 2.54
N THR A 208 -4.83 37.52 1.62
CA THR A 208 -4.64 38.81 0.97
C THR A 208 -4.60 38.70 -0.55
N VAL A 209 -5.41 39.51 -1.23
CA VAL A 209 -5.38 39.57 -2.68
C VAL A 209 -4.97 40.96 -3.16
N THR A 210 -3.92 41.02 -3.99
CA THR A 210 -3.49 42.27 -4.58
C THR A 210 -4.35 42.60 -5.79
N VAL A 211 -5.17 43.64 -5.68
CA VAL A 211 -6.04 44.00 -6.79
C VAL A 211 -5.48 45.22 -7.52
N LYS A 212 -5.46 45.13 -8.85
CA LYS A 212 -4.89 46.19 -9.69
C LYS A 212 -5.84 46.57 -10.81
N VAL A 213 -6.22 47.84 -10.87
CA VAL A 213 -7.15 48.33 -11.89
C VAL A 213 -6.43 48.58 -13.21
N VAL A 214 -6.98 48.07 -14.30
CA VAL A 214 -6.39 48.23 -15.63
C VAL A 214 -7.37 48.89 -16.60
N GLY A 215 -6.89 49.16 -17.82
CA GLY A 215 -7.68 49.86 -18.82
C GLY A 215 -8.77 49.04 -19.48
N SER A 216 -9.83 49.72 -19.92
CA SER A 216 -10.98 49.05 -20.52
C SER A 216 -10.70 48.54 -21.92
N PRO A 217 -11.17 47.31 -22.20
CA PRO A 217 -11.20 46.74 -23.56
C PRO A 217 -12.24 47.41 -24.46
N LYS A 218 -12.80 48.52 -24.00
CA LYS A 218 -13.58 49.41 -24.84
C LYS A 218 -12.66 50.55 -25.28
N ASP A 219 -11.67 50.84 -24.45
CA ASP A 219 -10.60 51.77 -24.78
C ASP A 219 -9.51 51.06 -25.59
N ALA A 220 -9.61 49.74 -25.67
CA ALA A 220 -8.60 48.94 -26.36
C ALA A 220 -8.70 49.10 -27.89
N LEU A 221 -7.54 49.22 -28.52
CA LEU A 221 -7.44 49.41 -29.96
C LEU A 221 -5.97 49.28 -30.39
N PRO A 222 -5.72 48.97 -31.67
CA PRO A 222 -4.39 48.82 -32.28
C PRO A 222 -3.35 49.88 -31.85
N PRO A 223 -2.05 49.55 -32.00
CA PRO A 223 -0.94 50.43 -31.58
C PRO A 223 -1.05 51.85 -32.15
N GLN A 224 -0.43 52.81 -31.47
CA GLN A 224 -0.50 54.21 -31.86
C GLN A 224 0.90 54.76 -32.12
N ILE A 225 1.18 55.17 -33.35
CA ILE A 225 2.52 55.62 -33.71
C ILE A 225 2.48 57.03 -34.29
N TYR A 226 3.39 57.89 -33.83
CA TYR A 226 3.40 59.30 -34.24
C TYR A 226 4.79 59.83 -34.55
N SER A 227 5.84 59.12 -34.13
CA SER A 227 7.17 59.54 -34.51
C SER A 227 7.31 59.54 -36.04
N PRO A 228 6.55 58.68 -36.75
CA PRO A 228 6.33 58.86 -38.20
C PRO A 228 5.26 59.89 -38.60
N ASN A 229 4.97 60.89 -37.78
CA ASN A 229 3.88 61.82 -38.11
C ASN A 229 4.13 62.66 -39.35
N ASP A 230 5.42 62.88 -39.65
CA ASP A 230 5.90 63.66 -40.80
C ASP A 230 5.75 65.18 -40.65
N ARG A 231 5.40 65.64 -39.46
CA ARG A 231 5.42 67.08 -39.21
C ARG A 231 6.86 67.54 -39.16
N VAL A 232 7.73 66.66 -38.67
CA VAL A 232 9.16 66.89 -38.73
C VAL A 232 9.78 65.88 -39.69
N VAL A 233 10.25 66.36 -40.84
CA VAL A 233 11.09 65.56 -41.69
C VAL A 233 12.52 65.94 -41.32
N TYR A 234 13.44 65.00 -41.47
CA TYR A 234 14.71 65.13 -40.78
C TYR A 234 15.91 65.19 -41.71
N GLU A 235 15.78 65.92 -42.82
CA GLU A 235 16.88 66.12 -43.74
C GLU A 235 17.97 67.01 -43.15
N LYS A 236 19.20 66.51 -43.17
CA LYS A 236 20.35 67.28 -42.69
C LYS A 236 21.63 66.85 -43.41
N GLU A 237 22.68 67.66 -43.28
CA GLU A 237 23.98 67.35 -43.86
C GLU A 237 24.47 66.01 -43.31
N PRO A 238 25.03 65.17 -44.20
CA PRO A 238 25.42 63.80 -43.84
C PRO A 238 26.91 63.56 -43.55
N GLY A 239 27.36 63.56 -42.29
CA GLY A 239 26.63 64.03 -41.12
C GLY A 239 25.34 63.37 -40.63
N GLU A 240 25.07 62.14 -41.04
CA GLU A 240 23.81 61.49 -40.64
C GLU A 240 23.88 61.05 -39.19
N GLU A 241 23.93 62.02 -38.28
CA GLU A 241 23.95 61.77 -36.86
C GLU A 241 22.53 61.77 -36.33
N LEU A 242 21.59 61.83 -37.25
CA LEU A 242 20.21 62.08 -36.90
C LEU A 242 19.37 60.82 -36.93
N VAL A 243 18.69 60.53 -35.83
CA VAL A 243 17.79 59.40 -35.77
C VAL A 243 16.44 59.88 -35.23
N ILE A 244 15.37 59.34 -35.80
CA ILE A 244 14.04 59.73 -35.37
C ILE A 244 13.49 58.62 -34.46
N PRO A 245 12.77 59.01 -33.39
CA PRO A 245 12.28 58.02 -32.42
C PRO A 245 11.23 57.09 -33.03
N CYS A 246 10.69 56.19 -32.22
CA CYS A 246 9.53 55.42 -32.63
C CYS A 246 8.61 55.21 -31.44
N LYS A 247 7.61 56.08 -31.29
CA LYS A 247 6.75 56.06 -30.12
C LYS A 247 5.45 55.31 -30.35
N VAL A 248 5.30 54.18 -29.68
CA VAL A 248 4.07 53.40 -29.79
C VAL A 248 3.37 53.27 -28.44
N TYR A 249 2.18 53.85 -28.34
CA TYR A 249 1.33 53.73 -27.16
C TYR A 249 0.30 52.64 -27.38
N PHE A 250 0.19 51.71 -26.43
CA PHE A 250 -0.77 50.64 -26.53
C PHE A 250 -1.82 50.72 -25.42
N SER A 251 -3.08 50.82 -25.80
CA SER A 251 -4.17 50.68 -24.83
C SER A 251 -4.10 49.27 -24.24
N PHE A 252 -4.47 49.14 -22.98
CA PHE A 252 -4.33 47.85 -22.30
C PHE A 252 -5.20 46.77 -22.91
N ILE A 253 -4.61 45.59 -23.07
CA ILE A 253 -5.32 44.40 -23.51
C ILE A 253 -4.84 43.24 -22.66
N MET A 254 -5.77 42.62 -21.92
CA MET A 254 -5.46 41.58 -20.92
C MET A 254 -4.38 40.60 -21.39
N ASP A 255 -4.60 39.99 -22.54
CA ASP A 255 -3.56 39.21 -23.19
C ASP A 255 -3.07 39.95 -24.44
N SER A 256 -1.94 40.63 -24.30
CA SER A 256 -1.37 41.40 -25.41
C SER A 256 0.05 40.95 -25.73
N HIS A 257 0.40 40.94 -27.01
CA HIS A 257 1.75 40.59 -27.43
C HIS A 257 2.46 41.81 -27.99
N ASN A 258 3.07 42.61 -27.11
CA ASN A 258 3.72 43.84 -27.56
C ASN A 258 5.04 43.60 -28.31
N GLU A 259 5.03 43.82 -29.61
CA GLU A 259 6.25 43.77 -30.41
C GLU A 259 6.38 45.00 -31.30
N VAL A 260 7.45 45.75 -31.11
CA VAL A 260 7.75 46.88 -31.99
C VAL A 260 9.01 46.58 -32.79
N TRP A 261 8.97 46.79 -34.10
CA TRP A 261 10.16 46.61 -34.91
C TRP A 261 10.36 47.69 -35.97
N TRP A 262 11.55 48.27 -35.97
CA TRP A 262 11.97 49.19 -37.02
C TRP A 262 12.20 48.43 -38.31
N THR A 263 11.65 48.93 -39.40
CA THR A 263 11.92 48.37 -40.71
C THR A 263 12.59 49.41 -41.59
N ILE A 264 13.89 49.22 -41.81
CA ILE A 264 14.69 50.21 -42.51
C ILE A 264 14.62 50.00 -44.01
N ASP A 265 15.14 48.88 -44.51
CA ASP A 265 15.04 48.57 -45.93
C ASP A 265 14.14 47.37 -46.17
N GLY A 266 13.60 46.82 -45.10
CA GLY A 266 12.79 45.62 -45.18
C GLY A 266 13.54 44.46 -44.55
N LYS A 267 14.86 44.61 -44.44
CA LYS A 267 15.68 43.63 -43.74
C LYS A 267 16.58 44.31 -42.75
N LYS A 268 16.00 44.79 -41.65
CA LYS A 268 16.76 45.37 -40.55
C LYS A 268 17.89 44.46 -40.03
N PRO A 269 17.63 43.14 -39.79
CA PRO A 269 18.62 42.19 -39.26
C PRO A 269 20.10 42.49 -39.55
N ASP A 270 20.56 43.63 -39.07
CA ASP A 270 21.97 44.02 -39.10
C ASP A 270 22.55 44.08 -40.53
N ASP A 271 22.05 45.02 -41.33
CA ASP A 271 22.53 45.29 -42.68
C ASP A 271 24.00 45.72 -42.66
N VAL A 272 24.75 45.37 -43.69
CA VAL A 272 26.22 45.40 -43.64
C VAL A 272 26.88 46.78 -43.73
N THR A 273 26.31 47.69 -44.51
CA THR A 273 26.91 49.00 -44.74
C THR A 273 27.18 49.73 -43.44
N VAL A 274 26.33 49.46 -42.46
CA VAL A 274 26.36 50.12 -41.17
C VAL A 274 26.46 49.06 -40.08
N ASP A 275 26.99 49.40 -38.91
CA ASP A 275 27.02 48.47 -37.78
C ASP A 275 25.96 48.82 -36.75
N ILE A 276 24.95 47.96 -36.67
CA ILE A 276 23.73 48.28 -35.93
C ILE A 276 23.49 47.39 -34.71
N THR A 277 22.78 47.95 -33.73
CA THR A 277 22.25 47.18 -32.60
C THR A 277 20.90 47.78 -32.20
N ILE A 278 19.88 46.93 -32.07
CA ILE A 278 18.53 47.38 -31.73
C ILE A 278 18.45 47.86 -30.27
N ASN A 279 17.86 49.03 -30.06
CA ASN A 279 17.72 49.57 -28.70
C ASN A 279 16.25 49.75 -28.32
N GLU A 280 15.98 49.73 -27.01
CA GLU A 280 14.65 49.41 -26.51
C GLU A 280 14.23 50.23 -25.27
N SER A 281 12.92 50.42 -25.08
CA SER A 281 12.39 51.10 -23.89
C SER A 281 10.90 50.78 -23.63
N VAL A 282 10.49 50.96 -22.38
CA VAL A 282 9.15 50.55 -21.91
C VAL A 282 8.64 51.48 -20.78
N SER A 283 7.34 51.76 -20.78
CA SER A 283 6.73 52.57 -19.72
C SER A 283 5.24 52.29 -19.51
N TYR A 284 4.86 51.95 -18.28
CA TYR A 284 3.47 51.67 -17.94
C TYR A 284 2.75 52.90 -17.40
N SER A 285 1.47 53.04 -17.73
CA SER A 285 0.69 54.17 -17.28
C SER A 285 0.13 53.94 -15.88
N SER A 286 -0.87 54.73 -15.51
CA SER A 286 -1.53 54.60 -14.22
C SER A 286 -2.52 53.44 -14.24
N THR A 287 -3.20 53.30 -15.37
CA THR A 287 -4.14 52.21 -15.58
C THR A 287 -3.49 51.14 -16.45
N GLU A 288 -2.16 51.17 -16.45
CA GLU A 288 -1.29 50.14 -17.02
C GLU A 288 -1.39 49.94 -18.52
N ASP A 289 -1.48 51.03 -19.27
CA ASP A 289 -1.28 50.97 -20.72
C ASP A 289 0.20 51.18 -21.00
N GLU A 290 0.70 50.62 -22.10
CA GLU A 290 2.12 50.70 -22.39
C GLU A 290 2.49 51.76 -23.42
N THR A 291 3.68 52.31 -23.25
CA THR A 291 4.37 53.00 -24.33
C THR A 291 5.71 52.29 -24.54
N ARG A 292 5.92 51.74 -25.72
CA ARG A 292 7.21 51.18 -26.08
C ARG A 292 7.86 52.03 -27.16
N THR A 293 9.12 52.39 -26.94
CA THR A 293 9.85 53.26 -27.85
C THR A 293 11.15 52.61 -28.31
N GLN A 294 11.44 52.72 -29.61
CA GLN A 294 12.64 52.12 -30.17
C GLN A 294 13.45 53.09 -31.02
N ILE A 295 14.76 53.09 -30.80
CA ILE A 295 15.71 53.90 -31.56
C ILE A 295 16.96 53.06 -31.74
N LEU A 296 17.73 53.28 -32.82
CA LEU A 296 18.87 52.41 -33.10
C LEU A 296 20.20 53.16 -33.15
N SER A 297 21.31 52.42 -33.03
CA SER A 297 22.64 53.01 -33.01
C SER A 297 23.58 52.41 -34.08
N ILE A 298 24.43 53.27 -34.65
CA ILE A 298 25.30 52.87 -35.76
C ILE A 298 26.78 53.20 -35.48
N LYS A 299 27.71 52.38 -35.99
CA LYS A 299 29.13 52.68 -35.91
C LYS A 299 29.63 53.59 -37.04
N LYS A 300 29.42 53.15 -38.28
CA LYS A 300 29.85 53.96 -39.42
C LYS A 300 28.65 54.33 -40.30
N VAL A 301 28.68 55.52 -40.87
CA VAL A 301 27.51 56.06 -41.55
C VAL A 301 27.69 56.20 -43.07
N THR A 302 26.82 55.53 -43.83
CA THR A 302 26.87 55.59 -45.28
C THR A 302 25.80 56.54 -45.85
N PRO A 303 26.23 57.51 -46.69
CA PRO A 303 25.42 58.63 -47.20
C PRO A 303 24.15 58.22 -47.95
N GLU A 304 24.11 56.99 -48.44
CA GLU A 304 23.01 56.53 -49.29
C GLU A 304 21.68 56.30 -48.55
N ASP A 305 21.75 55.95 -47.27
CA ASP A 305 20.57 55.54 -46.50
C ASP A 305 19.46 56.59 -46.38
N LEU A 306 19.82 57.86 -46.50
CA LEU A 306 18.82 58.93 -46.38
C LEU A 306 17.83 58.82 -47.53
N ARG A 307 18.31 58.29 -48.65
CA ARG A 307 17.47 58.15 -49.84
C ARG A 307 16.58 56.90 -49.78
N ARG A 308 16.82 56.00 -48.83
CA ARG A 308 15.86 54.94 -48.55
C ARG A 308 15.01 55.38 -47.36
N ASN A 309 13.74 55.00 -47.34
CA ASN A 309 12.84 55.48 -46.31
C ASN A 309 12.75 54.52 -45.12
N TYR A 310 12.51 55.08 -43.93
CA TYR A 310 12.47 54.28 -42.71
C TYR A 310 11.06 54.14 -42.17
N VAL A 311 10.46 52.96 -42.35
CA VAL A 311 9.12 52.69 -41.88
C VAL A 311 9.14 52.01 -40.51
N CYS A 312 8.26 52.43 -39.61
CA CYS A 312 8.17 51.84 -38.28
C CYS A 312 6.84 51.13 -38.05
N HIS A 313 6.90 49.85 -37.71
CA HIS A 313 5.69 49.10 -37.37
C HIS A 313 5.77 48.42 -36.03
N ALA A 314 4.61 48.00 -35.55
CA ALA A 314 4.48 47.30 -34.29
C ALA A 314 3.12 46.63 -34.24
N ARG A 315 3.09 45.37 -33.82
CA ARG A 315 1.80 44.72 -33.62
C ARG A 315 1.62 44.17 -32.21
N ASN A 316 0.49 44.51 -31.58
CA ASN A 316 0.13 43.88 -30.32
C ASN A 316 -1.34 43.45 -30.31
N THR A 317 -1.57 42.23 -30.77
CA THR A 317 -2.91 41.67 -31.00
C THR A 317 -3.63 42.41 -32.14
N LYS A 318 -3.03 43.49 -32.62
CA LYS A 318 -3.49 44.23 -33.79
C LYS A 318 -2.27 44.74 -34.56
N GLY A 319 -2.38 44.81 -35.89
CA GLY A 319 -1.24 45.22 -36.70
C GLY A 319 -1.38 46.60 -37.35
N GLU A 320 -0.50 47.51 -36.99
CA GLU A 320 -0.48 48.85 -37.58
C GLU A 320 0.95 49.34 -37.82
N ALA A 321 1.10 50.36 -38.67
CA ALA A 321 2.39 50.70 -39.25
C ALA A 321 2.42 52.05 -39.99
N GLU A 322 3.36 52.93 -39.58
CA GLU A 322 3.57 54.21 -40.29
C GLU A 322 5.07 54.55 -40.41
N GLN A 323 5.40 55.50 -41.29
CA GLN A 323 6.79 55.78 -41.67
C GLN A 323 7.23 57.24 -41.47
N ALA A 324 8.50 57.43 -41.15
CA ALA A 324 9.06 58.72 -40.71
C ALA A 324 8.96 59.85 -41.74
N ALA A 325 9.04 59.47 -43.02
CA ALA A 325 8.99 60.37 -44.17
C ALA A 325 9.65 61.73 -43.91
N GLU B 1 27.86 -19.44 -37.83
CA GLU B 1 27.94 -18.01 -38.06
C GLU B 1 26.57 -17.46 -38.44
N THR B 2 26.25 -16.27 -37.97
CA THR B 2 24.94 -15.66 -38.27
C THR B 2 25.05 -14.19 -38.66
N PRO B 3 24.21 -13.75 -39.62
CA PRO B 3 24.15 -12.38 -40.16
C PRO B 3 23.56 -11.37 -39.17
N PRO B 4 23.75 -10.06 -39.41
CA PRO B 4 23.17 -9.15 -38.42
C PRO B 4 21.65 -9.15 -38.46
N ARG B 5 21.03 -8.89 -37.31
CA ARG B 5 19.59 -8.78 -37.22
C ARG B 5 19.25 -7.72 -36.17
N PHE B 6 18.38 -6.78 -36.50
CA PHE B 6 18.11 -5.69 -35.57
C PHE B 6 17.33 -6.21 -34.36
N THR B 7 17.73 -5.77 -33.17
CA THR B 7 16.94 -6.01 -31.98
C THR B 7 16.26 -4.71 -31.58
N ARG B 8 16.80 -3.59 -32.06
CA ARG B 8 16.18 -2.28 -31.87
C ARG B 8 16.37 -1.35 -33.06
N THR B 9 15.27 -0.94 -33.69
CA THR B 9 15.37 0.01 -34.80
C THR B 9 14.88 1.38 -34.36
N PRO B 10 15.48 2.45 -34.93
CA PRO B 10 15.12 3.85 -34.64
C PRO B 10 13.76 4.22 -35.21
N VAL B 11 13.06 5.18 -34.60
CA VAL B 11 11.78 5.64 -35.12
C VAL B 11 11.88 7.11 -35.53
N ASP B 12 11.09 7.51 -36.53
CA ASP B 12 11.06 8.91 -36.98
C ASP B 12 10.82 9.88 -35.81
N GLN B 13 11.48 11.03 -35.85
CA GLN B 13 11.38 11.98 -34.74
C GLN B 13 10.98 13.37 -35.24
N THR B 14 10.24 14.10 -34.43
CA THR B 14 10.09 15.54 -34.64
C THR B 14 10.58 16.32 -33.42
N GLY B 15 11.68 17.03 -33.56
CA GLY B 15 12.21 17.81 -32.45
C GLY B 15 12.13 19.31 -32.61
N VAL B 16 12.62 20.05 -31.62
CA VAL B 16 12.64 21.52 -31.67
C VAL B 16 14.07 22.05 -31.75
N SER B 17 14.24 23.08 -32.57
CA SER B 17 15.53 23.78 -32.69
C SER B 17 16.12 24.19 -31.36
N GLY B 18 17.41 23.92 -31.17
CA GLY B 18 18.09 24.23 -29.93
C GLY B 18 18.05 23.07 -28.96
N GLY B 19 17.14 22.12 -29.23
CA GLY B 19 16.97 20.98 -28.36
C GLY B 19 17.83 19.79 -28.72
N VAL B 20 17.36 18.60 -28.34
CA VAL B 20 18.08 17.36 -28.59
C VAL B 20 17.21 16.38 -29.37
N ALA B 21 17.86 15.59 -30.22
CA ALA B 21 17.26 14.37 -30.74
C ALA B 21 18.23 13.21 -30.60
N SER B 22 17.69 12.04 -30.29
CA SER B 22 18.49 10.83 -30.19
C SER B 22 17.85 9.74 -31.01
N PHE B 23 18.70 8.97 -31.70
CA PHE B 23 18.25 7.80 -32.41
C PHE B 23 18.94 6.56 -31.88
N ILE B 24 18.16 5.51 -31.68
CA ILE B 24 18.66 4.30 -31.06
C ILE B 24 18.61 3.17 -32.06
N CYS B 25 19.70 2.41 -32.12
CA CYS B 25 19.77 1.28 -33.02
C CYS B 25 20.55 0.21 -32.31
N GLN B 26 20.08 -1.03 -32.41
CA GLN B 26 20.80 -2.13 -31.80
C GLN B 26 20.66 -3.37 -32.67
N ALA B 27 21.74 -4.16 -32.73
CA ALA B 27 21.72 -5.38 -33.53
C ALA B 27 22.43 -6.51 -32.80
N THR B 28 22.10 -7.73 -33.20
CA THR B 28 22.81 -8.90 -32.72
C THR B 28 23.25 -9.71 -33.93
N GLY B 29 24.10 -10.70 -33.71
CA GLY B 29 24.59 -11.54 -34.78
C GLY B 29 25.87 -12.22 -34.33
N ASP B 30 26.44 -13.07 -35.18
CA ASP B 30 27.67 -13.75 -34.84
C ASP B 30 28.67 -13.80 -36.00
N PRO B 31 29.78 -13.05 -35.90
CA PRO B 31 30.30 -12.19 -34.83
C PRO B 31 29.40 -11.01 -34.55
N ARG B 32 29.61 -10.37 -33.40
CA ARG B 32 28.82 -9.21 -33.02
C ARG B 32 28.99 -8.21 -34.15
N PRO B 33 27.88 -7.62 -34.59
CA PRO B 33 27.88 -6.74 -35.75
C PRO B 33 28.34 -5.35 -35.36
N LYS B 34 28.75 -4.59 -36.35
CA LYS B 34 29.03 -3.20 -36.11
C LYS B 34 27.94 -2.39 -36.73
N ILE B 35 27.90 -1.14 -36.30
CA ILE B 35 26.87 -0.23 -36.72
C ILE B 35 27.55 1.01 -37.24
N VAL B 36 26.99 1.53 -38.34
CA VAL B 36 27.39 2.84 -38.77
C VAL B 36 26.10 3.60 -38.93
N TRP B 37 26.21 4.91 -38.82
CA TRP B 37 25.09 5.79 -39.02
C TRP B 37 25.39 6.55 -40.28
N ASN B 38 24.43 6.58 -41.20
CA ASN B 38 24.68 7.28 -42.42
C ASN B 38 23.65 8.38 -42.53
N LYS B 39 23.95 9.35 -43.37
CA LYS B 39 22.97 10.29 -43.84
C LYS B 39 23.12 10.44 -45.34
N LYS B 40 22.02 10.19 -46.07
CA LYS B 40 22.02 10.31 -47.53
C LYS B 40 23.18 9.50 -48.11
N GLY B 41 23.42 8.34 -47.51
CA GLY B 41 24.37 7.38 -48.02
C GLY B 41 25.80 7.74 -47.67
N LYS B 42 25.98 8.80 -46.89
CA LYS B 42 27.31 9.20 -46.44
C LYS B 42 27.42 9.02 -44.92
N LYS B 43 28.52 8.46 -44.45
CA LYS B 43 28.66 8.22 -43.01
C LYS B 43 28.68 9.55 -42.29
N VAL B 44 27.90 9.66 -41.22
CA VAL B 44 27.83 10.92 -40.50
C VAL B 44 29.20 11.32 -39.95
N SER B 45 29.50 12.60 -40.08
CA SER B 45 30.71 13.24 -39.57
C SER B 45 30.18 14.65 -39.44
N ASN B 46 29.89 15.07 -38.21
CA ASN B 46 29.27 16.38 -38.01
C ASN B 46 29.49 16.97 -36.62
N GLN B 47 29.73 18.28 -36.60
CA GLN B 47 30.01 19.03 -35.39
C GLN B 47 28.96 18.86 -34.27
N ARG B 48 27.68 18.69 -34.63
CA ARG B 48 26.60 18.52 -33.64
C ARG B 48 26.16 17.07 -33.41
N PHE B 49 26.83 16.12 -34.06
CA PHE B 49 26.40 14.74 -33.97
C PHE B 49 27.41 13.93 -33.19
N GLU B 50 26.85 13.21 -32.22
CA GLU B 50 27.60 12.32 -31.38
C GLU B 50 27.05 10.89 -31.37
N VAL B 51 27.95 9.91 -31.41
CA VAL B 51 27.59 8.51 -31.31
C VAL B 51 28.05 7.87 -29.99
N ILE B 52 27.09 7.29 -29.29
CA ILE B 52 27.33 6.68 -27.99
C ILE B 52 27.06 5.18 -28.07
N GLU B 53 28.08 4.36 -27.82
CA GLU B 53 27.91 2.91 -27.88
C GLU B 53 27.28 2.37 -26.61
N PHE B 54 26.49 1.31 -26.75
CA PHE B 54 26.05 0.54 -25.59
C PHE B 54 27.19 -0.31 -25.05
N ASP B 55 27.37 -0.27 -23.74
CA ASP B 55 28.42 -1.05 -23.07
C ASP B 55 28.37 -2.52 -23.42
N ASP B 56 27.17 -3.09 -23.43
CA ASP B 56 27.01 -4.51 -23.73
C ASP B 56 27.38 -4.90 -25.16
N GLY B 57 27.64 -3.94 -26.04
CA GLY B 57 28.08 -4.34 -27.37
C GLY B 57 26.93 -4.46 -28.33
N SER B 58 25.71 -4.22 -27.84
CA SER B 58 24.53 -4.30 -28.70
C SER B 58 24.11 -3.04 -29.44
N GLY B 59 24.74 -1.89 -29.25
CA GLY B 59 24.45 -0.82 -30.18
C GLY B 59 25.15 0.52 -30.15
N SER B 60 24.40 1.50 -30.62
CA SER B 60 24.82 2.88 -30.70
C SER B 60 23.62 3.83 -30.59
N VAL B 61 23.84 4.98 -29.98
CA VAL B 61 22.85 6.04 -30.01
C VAL B 61 23.50 7.19 -30.75
N LEU B 62 22.76 7.70 -31.74
CA LEU B 62 23.10 8.95 -32.40
C LEU B 62 22.33 10.05 -31.72
N ARG B 63 23.09 10.99 -31.17
CA ARG B 63 22.54 12.13 -30.49
C ARG B 63 22.89 13.38 -31.25
N ILE B 64 21.89 14.21 -31.47
CA ILE B 64 22.07 15.46 -32.19
C ILE B 64 21.68 16.59 -31.25
N GLN B 65 22.61 17.51 -31.02
CA GLN B 65 22.37 18.62 -30.11
C GLN B 65 23.40 19.72 -30.33
N PRO B 66 22.96 20.98 -30.37
CA PRO B 66 21.60 21.54 -30.46
C PRO B 66 21.05 21.36 -31.87
N LEU B 67 19.75 21.10 -32.00
CA LEU B 67 19.15 20.97 -33.33
C LEU B 67 19.22 22.26 -34.14
N ARG B 68 19.50 22.09 -35.44
CA ARG B 68 19.50 23.18 -36.41
C ARG B 68 18.60 22.76 -37.59
N THR B 69 17.84 23.70 -38.13
CA THR B 69 16.96 23.44 -39.26
C THR B 69 17.13 24.39 -40.45
N PRO B 70 17.13 23.85 -41.68
CA PRO B 70 16.99 22.50 -42.23
C PRO B 70 18.23 21.60 -42.21
N ARG B 71 19.37 22.14 -41.74
CA ARG B 71 20.66 21.46 -41.82
C ARG B 71 20.54 19.97 -41.51
N ASP B 72 19.92 19.67 -40.37
CA ASP B 72 19.91 18.31 -39.87
C ASP B 72 18.70 17.53 -40.39
N GLU B 73 17.75 18.21 -41.04
CA GLU B 73 16.58 17.49 -41.52
C GLU B 73 17.01 16.59 -42.66
N ALA B 74 16.76 15.29 -42.50
CA ALA B 74 17.23 14.29 -43.44
C ALA B 74 16.72 12.92 -43.06
N ILE B 75 16.90 11.96 -43.96
CA ILE B 75 16.78 10.57 -43.62
C ILE B 75 18.12 10.03 -43.17
N TYR B 76 18.15 9.35 -42.02
CA TYR B 76 19.39 8.73 -41.60
C TYR B 76 19.19 7.23 -41.59
N GLU B 77 20.29 6.48 -41.67
CA GLU B 77 20.23 5.04 -41.66
C GLU B 77 21.16 4.45 -40.61
N CYS B 78 20.63 3.47 -39.88
CA CYS B 78 21.48 2.61 -39.08
C CYS B 78 21.82 1.40 -39.93
N VAL B 79 23.12 1.13 -40.08
CA VAL B 79 23.57 0.03 -40.90
C VAL B 79 24.32 -0.94 -40.02
N ALA B 80 23.82 -2.16 -39.88
CA ALA B 80 24.54 -3.15 -39.10
C ALA B 80 25.22 -4.15 -40.02
N SER B 81 26.50 -4.42 -39.76
CA SER B 81 27.24 -5.32 -40.61
C SER B 81 28.19 -6.22 -39.84
N ASN B 82 28.38 -7.43 -40.38
CA ASN B 82 29.51 -8.26 -40.04
C ASN B 82 29.93 -8.93 -41.35
N ASN B 83 30.87 -9.85 -41.29
CA ASN B 83 31.38 -10.52 -42.50
C ASN B 83 30.37 -11.46 -43.18
N VAL B 84 29.24 -11.72 -42.53
CA VAL B 84 28.24 -12.60 -43.14
C VAL B 84 27.16 -11.81 -43.90
N GLY B 85 26.99 -10.55 -43.56
CA GLY B 85 25.92 -9.78 -44.19
C GLY B 85 25.79 -8.35 -43.69
N GLU B 86 24.89 -7.62 -44.32
CA GLU B 86 24.67 -6.22 -43.99
C GLU B 86 23.19 -5.86 -44.09
N ILE B 87 22.70 -5.05 -43.16
CA ILE B 87 21.31 -4.60 -43.19
C ILE B 87 21.24 -3.14 -42.72
N SER B 88 20.33 -2.38 -43.29
CA SER B 88 20.16 -0.99 -42.87
C SER B 88 18.70 -0.68 -42.61
N VAL B 89 18.44 0.32 -41.79
CA VAL B 89 17.07 0.77 -41.64
C VAL B 89 17.06 2.30 -41.64
N SER B 90 16.07 2.87 -42.31
CA SER B 90 16.01 4.31 -42.47
C SER B 90 15.09 4.94 -41.41
N THR B 91 15.37 6.20 -41.10
CA THR B 91 14.52 6.96 -40.20
C THR B 91 14.64 8.44 -40.49
N ARG B 92 13.64 9.21 -40.09
CA ARG B 92 13.56 10.63 -40.40
C ARG B 92 13.60 11.52 -39.18
N LEU B 93 14.36 12.61 -39.31
CA LEU B 93 14.35 13.70 -38.37
C LEU B 93 13.73 14.91 -39.01
N THR B 94 12.74 15.43 -38.29
CA THR B 94 12.14 16.70 -38.65
C THR B 94 12.48 17.60 -37.51
N VAL B 95 12.77 18.85 -37.85
CA VAL B 95 13.13 19.86 -36.87
C VAL B 95 12.35 21.13 -37.10
N LEU B 96 11.55 21.47 -36.11
CA LEU B 96 10.75 22.67 -36.21
C LEU B 96 11.43 23.87 -35.59
N ARG B 97 10.69 24.98 -35.57
CA ARG B 97 11.03 26.20 -34.85
C ARG B 97 9.98 26.51 -33.80
N GLU B 98 10.40 27.19 -32.74
CA GLU B 98 9.50 27.61 -31.67
C GLU B 98 8.34 28.42 -32.25
N ASP B 99 8.56 29.08 -33.39
CA ASP B 99 7.48 29.84 -34.00
C ASP B 99 6.62 28.91 -34.86
N GLN B 100 6.93 27.61 -34.81
CA GLN B 100 6.14 26.57 -35.48
C GLN B 100 5.75 25.44 -34.51
N ILE B 101 5.86 25.73 -33.21
CA ILE B 101 5.39 24.77 -32.22
C ILE B 101 3.89 24.63 -32.31
N PRO B 102 3.39 23.42 -32.59
CA PRO B 102 1.92 23.38 -32.61
C PRO B 102 1.41 23.43 -31.18
N ARG B 103 0.17 23.90 -30.99
CA ARG B 103 -0.55 23.69 -29.74
C ARG B 103 -0.67 22.21 -29.43
N GLY B 104 -0.19 21.82 -28.25
CA GLY B 104 -0.25 20.44 -27.84
C GLY B 104 1.12 19.76 -27.78
N PHE B 105 2.09 20.37 -28.45
CA PHE B 105 3.46 19.86 -28.49
C PHE B 105 4.01 19.74 -27.07
N PRO B 106 4.72 18.64 -26.75
CA PRO B 106 5.11 18.55 -25.33
C PRO B 106 5.99 19.69 -24.81
N THR B 107 5.75 20.09 -23.56
CA THR B 107 6.58 21.07 -22.86
C THR B 107 7.17 20.40 -21.63
N ILE B 108 8.33 20.85 -21.15
CA ILE B 108 8.78 20.44 -19.83
C ILE B 108 8.42 21.47 -18.75
N ASP B 109 7.36 21.19 -17.98
CA ASP B 109 6.86 22.11 -16.96
C ASP B 109 7.84 22.15 -15.81
N MET B 110 8.34 20.98 -15.47
CA MET B 110 9.39 20.84 -14.48
C MET B 110 10.24 19.65 -14.91
N GLY B 111 11.52 19.75 -14.64
CA GLY B 111 12.48 18.77 -15.10
C GLY B 111 13.25 18.23 -13.92
N PRO B 112 14.03 17.17 -14.14
CA PRO B 112 14.75 16.59 -13.02
C PRO B 112 15.77 17.58 -12.49
N GLN B 113 16.12 17.44 -11.23
CA GLN B 113 16.99 18.39 -10.59
C GLN B 113 18.13 17.63 -9.99
N LEU B 114 19.26 18.31 -9.84
CA LEU B 114 20.34 17.76 -9.02
C LEU B 114 19.72 17.13 -7.78
N LYS B 115 20.15 15.92 -7.48
CA LYS B 115 19.73 15.19 -6.30
C LYS B 115 20.94 14.38 -5.82
N VAL B 116 21.14 14.39 -4.51
CA VAL B 116 22.14 13.54 -3.90
C VAL B 116 21.50 12.53 -2.98
N VAL B 117 21.76 11.26 -3.25
CA VAL B 117 21.19 10.17 -2.47
C VAL B 117 22.29 9.34 -1.84
N GLU B 118 22.03 8.85 -0.63
CA GLU B 118 22.93 7.92 0.03
C GLU B 118 22.81 6.52 -0.56
N ARG B 119 23.94 5.84 -0.75
CA ARG B 119 23.97 4.48 -1.27
C ARG B 119 22.98 3.58 -0.52
N THR B 120 22.24 2.74 -1.27
CA THR B 120 21.22 1.81 -0.75
C THR B 120 19.87 2.50 -0.51
N ARG B 121 19.86 3.82 -0.54
CA ARG B 121 18.60 4.53 -0.44
C ARG B 121 17.96 4.67 -1.82
N THR B 122 16.66 4.98 -1.86
CA THR B 122 15.96 5.13 -3.12
C THR B 122 16.25 6.53 -3.64
N ALA B 123 16.57 6.65 -4.93
CA ALA B 123 16.67 7.94 -5.57
C ALA B 123 15.59 8.06 -6.61
N THR B 124 14.86 9.17 -6.58
CA THR B 124 13.83 9.40 -7.60
C THR B 124 14.09 10.67 -8.39
N MET B 125 14.28 10.49 -9.70
CA MET B 125 14.37 11.63 -10.59
C MET B 125 12.96 11.90 -11.07
N LEU B 126 12.58 13.17 -11.12
CA LEU B 126 11.21 13.55 -11.38
C LEU B 126 11.06 14.48 -12.57
N CYS B 127 9.92 14.42 -13.23
CA CYS B 127 9.69 15.22 -14.40
C CYS B 127 8.21 15.51 -14.51
N ALA B 128 7.92 16.71 -14.98
CA ALA B 128 6.56 17.14 -15.26
C ALA B 128 6.51 17.63 -16.70
N ALA B 129 5.59 17.05 -17.46
CA ALA B 129 5.44 17.31 -18.88
C ALA B 129 3.97 17.45 -19.23
N SER B 130 3.70 18.25 -20.24
CA SER B 130 2.33 18.45 -20.71
C SER B 130 2.26 18.52 -22.22
N GLY B 131 1.07 18.25 -22.73
CA GLY B 131 0.85 18.26 -24.16
C GLY B 131 -0.47 17.65 -24.57
N ASN B 132 -0.74 17.68 -25.87
CA ASN B 132 -1.92 17.07 -26.46
C ASN B 132 -1.56 16.39 -27.77
N PRO B 133 -1.64 15.05 -27.82
CA PRO B 133 -2.02 14.04 -26.83
C PRO B 133 -1.15 13.98 -25.58
N ASP B 134 -1.65 13.34 -24.53
CA ASP B 134 -0.88 13.14 -23.31
C ASP B 134 0.43 12.48 -23.68
N PRO B 135 1.56 13.14 -23.35
CA PRO B 135 2.81 12.58 -23.83
C PRO B 135 3.32 11.42 -22.98
N GLU B 136 4.10 10.55 -23.60
CA GLU B 136 4.89 9.54 -22.87
C GLU B 136 6.17 10.18 -22.36
N ILE B 137 6.56 9.83 -21.14
CA ILE B 137 7.82 10.31 -20.58
C ILE B 137 8.81 9.17 -20.62
N THR B 138 9.97 9.40 -21.22
CA THR B 138 11.06 8.44 -21.18
C THR B 138 12.31 9.09 -20.61
N TRP B 139 13.31 8.27 -20.27
CA TRP B 139 14.47 8.75 -19.55
C TRP B 139 15.80 8.36 -20.18
N PHE B 140 16.73 9.30 -20.17
CA PHE B 140 18.09 9.04 -20.63
C PHE B 140 19.11 9.24 -19.51
N LYS B 141 20.16 8.42 -19.54
CA LYS B 141 21.28 8.55 -18.61
C LYS B 141 22.55 8.52 -19.43
N ASP B 142 23.36 9.57 -19.31
CA ASP B 142 24.61 9.68 -20.04
C ASP B 142 24.42 9.42 -21.53
N PHE B 143 23.31 9.94 -22.06
CA PHE B 143 23.00 9.97 -23.48
C PHE B 143 22.51 8.60 -23.99
N LEU B 144 22.32 7.64 -23.09
CA LEU B 144 21.83 6.33 -23.49
C LEU B 144 20.47 6.21 -22.84
N PRO B 145 19.50 5.58 -23.52
CA PRO B 145 18.22 5.36 -22.83
C PRO B 145 18.22 4.53 -21.55
N VAL B 146 17.47 4.97 -20.55
CA VAL B 146 17.34 4.24 -19.29
C VAL B 146 16.60 2.94 -19.66
N ASP B 147 17.13 1.77 -19.37
CA ASP B 147 16.33 0.58 -19.68
C ASP B 147 15.49 0.14 -18.49
N THR B 148 14.21 0.49 -18.50
CA THR B 148 13.29 0.07 -17.45
C THR B 148 12.29 -0.94 -17.97
N SER B 149 12.47 -1.34 -19.23
CA SER B 149 11.53 -2.23 -19.92
C SER B 149 11.14 -3.45 -19.10
N ASN B 150 12.05 -3.90 -18.23
CA ASN B 150 11.71 -4.90 -17.23
C ASN B 150 11.37 -4.20 -15.91
N ASN B 151 10.10 -4.28 -15.51
CA ASN B 151 9.65 -3.60 -14.30
C ASN B 151 9.88 -4.45 -13.04
N ASN B 152 10.91 -5.30 -13.10
CA ASN B 152 11.24 -6.19 -12.00
C ASN B 152 12.42 -5.68 -11.19
N GLY B 153 13.36 -5.06 -11.87
CA GLY B 153 14.65 -4.75 -11.29
C GLY B 153 14.74 -3.57 -10.37
N ARG B 154 15.95 -3.06 -10.26
CA ARG B 154 16.36 -2.00 -9.36
C ARG B 154 15.78 -0.65 -9.75
N ILE B 155 15.61 -0.44 -11.05
CA ILE B 155 15.08 0.81 -11.58
C ILE B 155 13.69 0.65 -12.19
N LYS B 156 12.78 1.47 -11.68
CA LYS B 156 11.36 1.49 -12.01
C LYS B 156 10.96 2.84 -12.63
N GLN B 157 10.09 2.76 -13.64
CA GLN B 157 9.51 3.90 -14.32
C GLN B 157 8.04 4.15 -14.01
N LEU B 158 7.75 5.25 -13.34
CA LEU B 158 6.40 5.51 -12.88
C LEU B 158 5.83 6.64 -13.74
N ARG B 159 4.51 6.69 -13.78
CA ARG B 159 3.81 7.72 -14.51
C ARG B 159 2.49 8.00 -13.84
N SER B 160 2.17 9.27 -13.67
CA SER B 160 0.88 9.65 -13.14
C SER B 160 -0.10 9.52 -14.27
N GLU B 161 -1.39 9.41 -13.97
CA GLU B 161 -2.34 9.19 -15.04
C GLU B 161 -3.25 10.39 -15.24
N SER B 162 -3.80 10.48 -16.44
CA SER B 162 -4.23 11.75 -17.01
C SER B 162 -5.58 12.28 -16.54
N ILE B 163 -5.56 13.02 -15.43
CA ILE B 163 -6.66 13.93 -15.13
C ILE B 163 -6.51 15.11 -16.07
N GLY B 164 -7.01 14.93 -17.29
CA GLY B 164 -6.96 15.91 -18.39
C GLY B 164 -6.11 17.15 -18.29
N GLY B 165 -6.70 18.23 -17.78
CA GLY B 165 -6.07 19.54 -17.76
C GLY B 165 -4.87 19.68 -16.84
N THR B 166 -4.03 18.66 -16.82
CA THR B 166 -2.87 18.62 -15.94
C THR B 166 -1.58 18.38 -16.71
N PRO B 167 -0.44 18.61 -16.04
CA PRO B 167 0.80 18.01 -16.49
C PRO B 167 0.81 16.52 -16.14
N ILE B 168 1.36 15.68 -17.00
CA ILE B 168 1.52 14.27 -16.66
C ILE B 168 2.86 14.10 -15.93
N ARG B 169 2.83 13.46 -14.77
CA ARG B 169 4.03 13.36 -13.95
C ARG B 169 4.82 12.08 -14.27
N GLY B 170 6.10 12.23 -14.56
CA GLY B 170 7.00 11.08 -14.67
C GLY B 170 8.02 10.95 -13.57
N ALA B 171 8.24 9.71 -13.11
CA ALA B 171 9.26 9.44 -12.10
C ALA B 171 10.26 8.38 -12.59
N LEU B 172 11.56 8.64 -12.44
CA LEU B 172 12.55 7.58 -12.61
C LEU B 172 13.00 7.13 -11.23
N GLN B 173 12.52 5.96 -10.82
CA GLN B 173 12.79 5.49 -9.47
C GLN B 173 13.93 4.48 -9.44
N ILE B 174 15.04 4.90 -8.85
CA ILE B 174 16.25 4.09 -8.79
C ILE B 174 16.39 3.53 -7.38
N GLU B 175 15.96 2.30 -7.17
CA GLU B 175 16.08 1.70 -5.85
C GLU B 175 17.50 1.20 -5.64
N GLN B 176 17.90 1.14 -4.37
CA GLN B 176 19.17 0.56 -3.94
C GLN B 176 20.30 1.21 -4.73
N SER B 177 20.31 2.54 -4.71
CA SER B 177 21.25 3.33 -5.50
C SER B 177 22.69 2.93 -5.22
N GLU B 178 23.51 2.91 -6.26
CA GLU B 178 24.92 2.57 -6.10
C GLU B 178 25.69 3.56 -6.95
N GLU B 179 27.00 3.57 -6.78
CA GLU B 179 27.87 4.54 -7.43
C GLU B 179 27.67 4.58 -8.96
N SER B 180 27.46 3.42 -9.57
CA SER B 180 27.29 3.32 -11.02
C SER B 180 26.04 4.06 -11.51
N ASP B 181 25.11 4.31 -10.58
CA ASP B 181 23.89 5.07 -10.84
C ASP B 181 24.14 6.56 -11.00
N GLN B 182 25.31 6.99 -10.56
CA GLN B 182 25.73 8.37 -10.69
C GLN B 182 25.78 8.73 -12.17
N GLY B 183 25.34 9.93 -12.50
CA GLY B 183 25.43 10.40 -13.87
C GLY B 183 24.43 11.48 -14.22
N LYS B 184 24.32 11.75 -15.51
CA LYS B 184 23.56 12.89 -15.96
C LYS B 184 22.22 12.44 -16.53
N TYR B 185 21.13 12.78 -15.84
CA TYR B 185 19.83 12.29 -16.28
C TYR B 185 19.06 13.39 -17.00
N GLU B 186 18.35 12.98 -18.04
CA GLU B 186 17.45 13.87 -18.78
C GLU B 186 16.13 13.12 -18.94
N CYS B 187 15.03 13.80 -18.68
CA CYS B 187 13.72 13.28 -19.03
C CYS B 187 13.23 13.81 -20.36
N VAL B 188 12.59 12.91 -21.09
CA VAL B 188 12.18 13.13 -22.46
C VAL B 188 10.68 12.89 -22.57
N ALA B 189 9.98 13.88 -23.12
CA ALA B 189 8.53 13.81 -23.30
C ALA B 189 8.15 13.72 -24.77
N THR B 190 7.34 12.73 -25.08
CA THR B 190 6.99 12.46 -26.47
C THR B 190 5.50 12.28 -26.74
N ASN B 191 5.01 12.94 -27.79
CA ASN B 191 3.71 12.60 -28.36
C ASN B 191 3.80 12.63 -29.89
N SER B 192 2.64 12.53 -30.54
CA SER B 192 2.59 12.46 -32.00
C SER B 192 3.06 13.73 -32.69
N ALA B 193 3.12 14.85 -31.97
CA ALA B 193 3.63 16.09 -32.55
C ALA B 193 5.15 16.15 -32.51
N GLY B 194 5.73 15.52 -31.50
CA GLY B 194 7.17 15.53 -31.36
C GLY B 194 7.73 15.27 -29.99
N THR B 195 9.01 15.58 -29.85
CA THR B 195 9.79 15.20 -28.69
C THR B 195 10.52 16.43 -28.15
N ARG B 196 10.49 16.57 -26.83
CA ARG B 196 11.20 17.65 -26.17
C ARG B 196 12.00 17.09 -25.00
N TYR B 197 13.23 17.55 -24.85
CA TYR B 197 14.05 17.11 -23.73
C TYR B 197 14.04 18.15 -22.61
N SER B 198 14.08 17.67 -21.38
CA SER B 198 14.38 18.49 -20.22
C SER B 198 15.85 18.85 -20.21
N ALA B 199 16.20 19.83 -19.40
CA ALA B 199 17.60 20.06 -19.03
C ALA B 199 18.16 18.83 -18.32
N PRO B 200 19.48 18.64 -18.39
CA PRO B 200 20.06 17.49 -17.71
C PRO B 200 20.12 17.72 -16.20
N ALA B 201 20.19 16.60 -15.48
CA ALA B 201 20.25 16.58 -14.02
C ALA B 201 21.24 15.54 -13.50
N ASN B 202 22.15 15.98 -12.64
CA ASN B 202 23.13 15.07 -12.07
C ASN B 202 22.61 14.41 -10.81
N LEU B 203 22.89 13.11 -10.73
CA LEU B 203 22.66 12.31 -9.55
C LEU B 203 24.01 11.98 -8.94
N TYR B 204 24.12 12.26 -7.65
CA TYR B 204 25.27 11.86 -6.85
C TYR B 204 24.91 10.82 -5.80
N VAL B 205 25.84 9.90 -5.55
CA VAL B 205 25.61 8.82 -4.58
C VAL B 205 26.63 8.95 -3.47
N ARG B 206 26.07 9.26 -2.30
CA ARG B 206 26.76 9.63 -1.07
C ARG B 206 26.81 8.54 0.00
N GLU B 207 27.90 8.50 0.76
CA GLU B 207 28.04 7.48 1.79
C GLU B 207 27.09 7.79 2.93
N LEU B 208 26.68 6.76 3.66
CA LEU B 208 25.56 6.85 4.60
C LEU B 208 25.77 7.77 5.79
N ARG B 209 24.70 8.47 6.17
CA ARG B 209 24.62 9.04 7.50
C ARG B 209 24.42 7.86 8.43
N GLU B 210 24.96 7.96 9.65
CA GLU B 210 25.00 6.82 10.53
C GLU B 210 23.62 6.38 11.01
N VAL B 211 22.69 7.33 11.07
CA VAL B 211 21.33 7.04 11.52
C VAL B 211 20.71 5.96 10.64
N ARG B 212 20.08 4.97 11.26
CA ARG B 212 19.54 3.84 10.51
C ARG B 212 18.04 3.72 10.63
N ARG B 213 17.38 3.54 9.49
CA ARG B 213 15.96 3.23 9.46
C ARG B 213 15.76 1.75 9.74
N VAL B 214 15.03 1.46 10.82
CA VAL B 214 14.78 0.09 11.25
C VAL B 214 13.37 -0.33 10.84
N PRO B 215 13.26 -1.49 10.16
CA PRO B 215 11.95 -2.02 9.76
C PRO B 215 11.09 -2.33 10.98
N PRO B 216 9.76 -2.38 10.79
CA PRO B 216 8.89 -2.66 11.93
C PRO B 216 9.04 -4.10 12.43
N ARG B 217 8.83 -4.30 13.73
CA ARG B 217 8.91 -5.64 14.31
C ARG B 217 8.07 -5.69 15.59
N PHE B 218 7.56 -6.86 15.93
CA PHE B 218 6.71 -7.00 17.10
C PHE B 218 7.52 -7.10 18.38
N SER B 219 7.39 -6.08 19.21
CA SER B 219 8.06 -6.07 20.50
C SER B 219 7.30 -6.96 21.47
N ILE B 220 5.98 -6.81 21.48
CA ILE B 220 5.10 -7.67 22.27
C ILE B 220 3.96 -8.15 21.38
N PRO B 221 4.20 -9.24 20.64
CA PRO B 221 3.19 -9.85 19.75
C PRO B 221 1.92 -10.27 20.52
N PRO B 222 0.79 -10.36 19.81
CA PRO B 222 -0.50 -10.70 20.43
C PRO B 222 -0.68 -12.19 20.68
N THR B 223 -0.78 -12.56 21.95
CA THR B 223 -0.84 -13.96 22.34
C THR B 223 -2.27 -14.47 22.53
N ASN B 224 -2.51 -15.70 22.09
CA ASN B 224 -3.84 -16.29 22.03
C ASN B 224 -4.53 -16.44 23.39
N HIS B 225 -5.83 -16.72 23.35
CA HIS B 225 -6.62 -16.86 24.57
C HIS B 225 -7.76 -17.87 24.45
N GLU B 226 -8.30 -18.26 25.60
CA GLU B 226 -9.56 -18.99 25.66
C GLU B 226 -10.33 -18.54 26.90
N ILE B 227 -11.58 -18.14 26.70
CA ILE B 227 -12.43 -17.70 27.82
C ILE B 227 -13.89 -18.06 27.57
N MET B 228 -14.64 -18.25 28.65
CA MET B 228 -16.08 -18.52 28.58
C MET B 228 -16.81 -17.37 27.88
N PRO B 229 -18.01 -17.62 27.34
CA PRO B 229 -18.70 -16.57 26.59
C PRO B 229 -19.12 -15.40 27.47
N GLY B 230 -18.91 -14.19 26.96
CA GLY B 230 -19.20 -12.96 27.69
C GLY B 230 -18.83 -12.90 29.16
N GLY B 231 -17.55 -12.99 29.48
CA GLY B 231 -16.49 -13.23 28.51
C GLY B 231 -15.89 -11.99 27.89
N SER B 232 -14.98 -11.35 28.62
CA SER B 232 -14.22 -10.22 28.09
C SER B 232 -12.74 -10.56 28.12
N VAL B 233 -11.97 -9.89 27.26
CA VAL B 233 -10.53 -10.08 27.22
C VAL B 233 -9.84 -8.89 26.58
N ASN B 234 -8.69 -8.53 27.14
CA ASN B 234 -7.87 -7.47 26.56
C ASN B 234 -6.60 -8.05 25.96
N ILE B 235 -6.48 -7.96 24.64
CA ILE B 235 -5.29 -8.49 23.97
C ILE B 235 -4.38 -7.35 23.51
N THR B 236 -3.15 -7.37 23.99
CA THR B 236 -2.20 -6.29 23.76
C THR B 236 -1.23 -6.60 22.63
N CYS B 237 -1.07 -5.65 21.71
CA CYS B 237 -0.14 -5.78 20.61
C CYS B 237 0.83 -4.60 20.57
N VAL B 238 2.12 -4.88 20.46
CA VAL B 238 3.14 -3.83 20.48
C VAL B 238 4.18 -4.00 19.36
N ALA B 239 4.37 -2.96 18.57
CA ALA B 239 5.38 -2.95 17.52
C ALA B 239 6.37 -1.82 17.73
N VAL B 240 7.62 -2.05 17.36
CA VAL B 240 8.65 -1.01 17.46
C VAL B 240 9.52 -0.96 16.21
N GLY B 241 10.23 0.15 16.04
CA GLY B 241 11.13 0.32 14.91
C GLY B 241 11.44 1.78 14.64
N SER B 242 12.23 2.04 13.61
CA SER B 242 12.55 3.42 13.21
C SER B 242 12.32 3.62 11.72
N PRO B 243 11.32 4.43 11.37
CA PRO B 243 10.44 5.16 12.30
C PRO B 243 9.39 4.26 12.94
N MET B 244 8.83 4.75 14.04
CA MET B 244 7.83 4.01 14.80
C MET B 244 6.59 3.73 13.94
N PRO B 245 6.01 2.53 14.08
CA PRO B 245 4.88 2.14 13.23
C PRO B 245 3.51 2.43 13.84
N TYR B 246 2.48 2.42 13.01
CA TYR B 246 1.09 2.45 13.47
C TYR B 246 0.62 1.03 13.72
N VAL B 247 -0.32 0.86 14.64
CA VAL B 247 -0.87 -0.46 14.93
C VAL B 247 -2.39 -0.47 14.86
N LYS B 248 -2.93 -1.21 13.91
CA LYS B 248 -4.37 -1.37 13.82
C LYS B 248 -4.77 -2.82 14.03
N TRP B 249 -5.84 -3.04 14.78
CA TRP B 249 -6.37 -4.38 14.98
C TRP B 249 -7.36 -4.70 13.86
N MET B 250 -7.53 -5.99 13.59
CA MET B 250 -8.36 -6.42 12.46
C MET B 250 -9.05 -7.75 12.69
N LEU B 251 -10.28 -7.85 12.21
CA LEU B 251 -11.00 -9.12 12.21
C LEU B 251 -10.95 -9.72 10.82
N GLY B 252 -9.73 -9.92 10.32
CA GLY B 252 -9.53 -10.50 9.00
C GLY B 252 -9.61 -9.47 7.89
N ALA B 253 -10.82 -9.05 7.57
CA ALA B 253 -11.04 -8.10 6.49
C ALA B 253 -11.45 -6.73 7.02
N GLU B 254 -12.53 -6.69 7.79
CA GLU B 254 -13.01 -5.43 8.35
C GLU B 254 -12.00 -4.86 9.35
N ASP B 255 -11.85 -3.55 9.35
CA ASP B 255 -10.91 -2.87 10.23
C ASP B 255 -11.53 -2.63 11.61
N LEU B 256 -10.78 -2.92 12.66
CA LEU B 256 -11.28 -2.77 14.02
C LEU B 256 -10.84 -1.46 14.65
N THR B 257 -9.64 -1.01 14.29
CA THR B 257 -9.15 0.28 14.74
C THR B 257 -9.53 1.35 13.72
N PRO B 258 -10.29 2.37 14.15
CA PRO B 258 -10.74 3.44 13.25
C PRO B 258 -9.54 4.17 12.64
N GLU B 259 -9.50 4.26 11.32
CA GLU B 259 -8.29 4.68 10.61
C GLU B 259 -7.77 6.05 11.03
N ASP B 260 -8.67 7.03 11.08
CA ASP B 260 -8.30 8.41 11.36
C ASP B 260 -7.70 8.59 12.75
N ASP B 261 -7.85 7.57 13.59
CA ASP B 261 -7.21 7.53 14.90
C ASP B 261 -6.54 6.18 15.11
N MET B 262 -5.28 6.09 14.69
CA MET B 262 -4.54 4.84 14.69
C MET B 262 -3.28 4.96 15.56
N PRO B 263 -3.27 4.28 16.71
CA PRO B 263 -2.22 4.46 17.72
C PRO B 263 -0.82 4.13 17.22
N ILE B 264 0.20 4.61 17.93
CA ILE B 264 1.58 4.44 17.51
C ILE B 264 2.32 3.40 18.34
N GLY B 265 2.63 2.27 17.72
CA GLY B 265 3.48 1.27 18.34
C GLY B 265 2.85 0.39 19.39
N ARG B 266 1.65 0.73 19.84
CA ARG B 266 1.00 -0.04 20.90
C ARG B 266 -0.52 0.08 20.87
N ASN B 267 -1.19 -0.98 20.40
CA ASN B 267 -2.64 -1.03 20.34
C ASN B 267 -3.17 -2.27 21.03
N VAL B 268 -3.99 -2.08 22.07
CA VAL B 268 -4.58 -3.20 22.79
C VAL B 268 -6.09 -3.28 22.55
N LEU B 269 -6.51 -4.40 21.97
CA LEU B 269 -7.92 -4.61 21.64
C LEU B 269 -8.70 -5.17 22.83
N GLU B 270 -9.72 -4.43 23.25
CA GLU B 270 -10.59 -4.91 24.32
C GLU B 270 -11.84 -5.57 23.74
N LEU B 271 -12.05 -6.83 24.11
CA LEU B 271 -13.13 -7.62 23.53
C LEU B 271 -14.26 -7.87 24.52
N ASN B 272 -15.24 -6.98 24.50
CA ASN B 272 -16.43 -7.12 25.33
C ASN B 272 -17.36 -8.21 24.81
N ASP B 273 -17.92 -9.00 25.73
CA ASP B 273 -18.95 -9.98 25.40
C ASP B 273 -18.54 -10.92 24.26
N VAL B 274 -17.52 -11.74 24.51
CA VAL B 274 -17.05 -12.68 23.51
C VAL B 274 -18.08 -13.80 23.30
N ARG B 275 -18.34 -14.13 22.04
CA ARG B 275 -19.34 -15.12 21.69
C ARG B 275 -18.70 -16.26 20.89
N GLN B 276 -18.55 -16.05 19.59
CA GLN B 276 -17.97 -17.06 18.70
C GLN B 276 -16.45 -16.96 18.69
N SER B 277 -15.78 -18.09 18.51
CA SER B 277 -14.33 -18.12 18.37
C SER B 277 -13.89 -17.41 17.09
N ALA B 278 -12.64 -16.92 17.07
CA ALA B 278 -12.15 -16.17 15.91
C ALA B 278 -10.62 -16.06 15.84
N ASN B 279 -10.15 -15.74 14.64
CA ASN B 279 -8.78 -15.31 14.40
C ASN B 279 -8.71 -13.77 14.35
N TYR B 280 -7.87 -13.17 15.19
CA TYR B 280 -7.75 -11.71 15.18
C TYR B 280 -6.37 -11.25 14.69
N THR B 281 -6.36 -10.37 13.69
CA THR B 281 -5.11 -9.91 13.10
C THR B 281 -4.67 -8.55 13.63
N CYS B 282 -3.39 -8.44 13.98
CA CYS B 282 -2.80 -7.17 14.38
C CYS B 282 -1.77 -6.73 13.34
N VAL B 283 -2.11 -5.68 12.58
CA VAL B 283 -1.23 -5.19 11.54
C VAL B 283 -0.45 -3.96 12.02
N ALA B 284 0.85 -3.95 11.74
CA ALA B 284 1.70 -2.82 12.07
C ALA B 284 2.40 -2.32 10.80
N MET B 285 2.45 -1.00 10.63
CA MET B 285 3.08 -0.44 9.45
C MET B 285 3.88 0.83 9.72
N SER B 286 5.15 0.78 9.35
CA SER B 286 5.95 1.98 9.22
C SER B 286 6.11 2.25 7.73
N THR B 287 7.08 3.10 7.38
CA THR B 287 7.35 3.38 5.98
C THR B 287 8.24 2.30 5.37
N LEU B 288 8.64 1.35 6.21
CA LEU B 288 9.51 0.28 5.78
C LEU B 288 8.78 -1.06 5.77
N GLY B 289 7.53 -1.04 5.31
CA GLY B 289 6.77 -2.27 5.14
C GLY B 289 5.72 -2.56 6.20
N VAL B 290 4.89 -3.55 5.91
CA VAL B 290 3.81 -3.97 6.79
C VAL B 290 4.09 -5.35 7.40
N ILE B 291 3.82 -5.49 8.70
CA ILE B 291 3.91 -6.80 9.35
C ILE B 291 2.59 -7.17 10.01
N GLU B 292 2.40 -8.44 10.31
CA GLU B 292 1.15 -8.93 10.88
C GLU B 292 1.37 -9.98 11.96
N ALA B 293 0.36 -10.20 12.80
CA ALA B 293 0.40 -11.22 13.83
C ALA B 293 -1.00 -11.52 14.36
N ILE B 294 -1.27 -12.79 14.64
CA ILE B 294 -2.61 -13.23 15.01
C ILE B 294 -2.73 -13.61 16.49
N ALA B 295 -3.91 -13.39 17.05
CA ALA B 295 -4.25 -13.90 18.36
C ALA B 295 -5.45 -14.83 18.21
N GLN B 296 -5.32 -16.07 18.68
CA GLN B 296 -6.41 -17.03 18.61
C GLN B 296 -7.36 -16.88 19.79
N ILE B 297 -8.60 -16.55 19.50
CA ILE B 297 -9.63 -16.46 20.53
C ILE B 297 -10.65 -17.58 20.35
N THR B 298 -10.82 -18.39 21.38
CA THR B 298 -11.77 -19.48 21.32
C THR B 298 -12.58 -19.60 22.60
N VAL B 299 -13.80 -20.11 22.46
CA VAL B 299 -14.58 -20.55 23.60
C VAL B 299 -14.87 -22.02 23.42
N LYS B 300 -14.45 -22.83 24.39
CA LYS B 300 -14.73 -24.25 24.30
C LYS B 300 -16.03 -24.59 25.02
N ALA B 301 -16.80 -25.48 24.43
CA ALA B 301 -17.99 -26.00 25.09
C ALA B 301 -17.63 -27.30 25.79
N LEU B 302 -18.57 -27.85 26.54
CA LEU B 302 -18.41 -29.18 27.11
C LEU B 302 -18.07 -30.13 25.98
N PRO B 303 -16.97 -30.88 26.13
CA PRO B 303 -16.38 -31.69 25.05
C PRO B 303 -17.41 -32.55 24.34
N LYS B 304 -17.25 -32.75 23.03
CA LYS B 304 -18.08 -33.68 22.31
C LYS B 304 -17.88 -35.08 22.90
N PRO B 305 -18.92 -35.94 22.85
CA PRO B 305 -18.77 -37.30 23.37
C PRO B 305 -17.62 -38.03 22.69
N PRO B 306 -16.83 -38.78 23.46
CA PRO B 306 -15.72 -39.54 22.89
C PRO B 306 -16.21 -40.56 21.87
N GLY B 307 -15.31 -41.10 21.07
CA GLY B 307 -15.68 -42.18 20.17
C GLY B 307 -16.15 -43.37 20.98
N THR B 308 -17.05 -44.16 20.41
CA THR B 308 -17.56 -45.35 21.08
C THR B 308 -16.40 -46.26 21.46
N PRO B 309 -16.28 -46.58 22.76
CA PRO B 309 -15.16 -47.38 23.27
C PRO B 309 -15.12 -48.77 22.64
N VAL B 310 -13.90 -49.28 22.45
CA VAL B 310 -13.70 -50.61 21.86
C VAL B 310 -12.93 -51.51 22.82
N VAL B 311 -13.45 -52.72 23.02
CA VAL B 311 -12.77 -53.71 23.85
C VAL B 311 -11.61 -54.33 23.07
N THR B 312 -10.40 -54.13 23.56
CA THR B 312 -9.20 -54.61 22.87
C THR B 312 -8.49 -55.70 23.68
N GLU B 313 -8.77 -55.76 24.98
CA GLU B 313 -8.27 -56.83 25.82
C GLU B 313 -9.34 -57.26 26.82
N SER B 314 -9.34 -58.54 27.16
CA SER B 314 -10.28 -59.04 28.16
C SER B 314 -9.70 -60.23 28.90
N THR B 315 -9.87 -60.22 30.22
CA THR B 315 -9.55 -61.37 31.05
C THR B 315 -10.83 -61.78 31.78
N ALA B 316 -10.70 -62.72 32.70
CA ALA B 316 -11.85 -63.16 33.47
C ALA B 316 -12.27 -62.08 34.47
N THR B 317 -11.34 -61.20 34.81
CA THR B 317 -11.61 -60.18 35.82
C THR B 317 -11.34 -58.76 35.35
N SER B 318 -10.99 -58.60 34.08
CA SER B 318 -10.69 -57.27 33.55
C SER B 318 -11.10 -57.10 32.09
N ILE B 319 -11.37 -55.85 31.73
CA ILE B 319 -11.68 -55.47 30.36
C ILE B 319 -10.96 -54.18 30.01
N THR B 320 -10.21 -54.19 28.91
CA THR B 320 -9.46 -53.02 28.49
C THR B 320 -10.16 -52.28 27.36
N LEU B 321 -10.48 -51.01 27.60
CA LEU B 321 -11.12 -50.17 26.61
C LEU B 321 -10.12 -49.27 25.89
N THR B 322 -10.36 -49.03 24.60
CA THR B 322 -9.66 -47.99 23.85
C THR B 322 -10.69 -47.18 23.09
N TRP B 323 -10.46 -45.88 22.98
CA TRP B 323 -11.42 -45.01 22.32
C TRP B 323 -10.75 -43.82 21.63
N ASP B 324 -11.43 -43.28 20.63
CA ASP B 324 -11.01 -42.04 20.00
C ASP B 324 -11.52 -40.88 20.86
N SER B 325 -10.76 -39.79 20.90
CA SER B 325 -11.12 -38.64 21.73
C SER B 325 -12.44 -38.03 21.31
N GLY B 326 -12.76 -38.15 20.02
CA GLY B 326 -14.00 -37.60 19.47
C GLY B 326 -14.04 -36.09 19.57
N ASN B 327 -12.88 -35.49 19.80
CA ASN B 327 -12.78 -34.05 19.99
C ASN B 327 -11.67 -33.41 19.16
N PRO B 328 -11.95 -32.21 18.63
CA PRO B 328 -10.98 -31.43 17.85
C PRO B 328 -9.87 -30.85 18.72
N GLU B 329 -10.23 -30.38 19.91
CA GLU B 329 -9.28 -29.77 20.84
C GLU B 329 -8.82 -30.80 21.86
N PRO B 330 -7.68 -30.54 22.54
CA PRO B 330 -7.21 -31.47 23.57
C PRO B 330 -8.19 -31.68 24.71
N VAL B 331 -8.30 -32.93 25.17
CA VAL B 331 -9.12 -33.26 26.33
C VAL B 331 -8.22 -33.41 27.54
N SER B 332 -8.67 -32.89 28.68
CA SER B 332 -7.90 -32.99 29.92
C SER B 332 -7.81 -34.45 30.37
N TYR B 333 -8.95 -35.12 30.46
CA TYR B 333 -9.00 -36.51 30.92
C TYR B 333 -10.37 -37.13 30.66
N TYR B 334 -10.53 -38.39 31.03
CA TYR B 334 -11.78 -39.09 30.75
C TYR B 334 -12.41 -39.71 31.99
N ILE B 335 -13.70 -40.00 31.89
CA ILE B 335 -14.44 -40.73 32.91
C ILE B 335 -15.05 -41.97 32.27
N ILE B 336 -14.80 -43.14 32.85
CA ILE B 336 -15.39 -44.37 32.35
C ILE B 336 -16.62 -44.76 33.15
N GLN B 337 -17.73 -44.91 32.46
CA GLN B 337 -18.96 -45.40 33.08
C GLN B 337 -19.06 -46.91 32.88
N HIS B 338 -19.44 -47.63 33.94
CA HIS B 338 -19.53 -49.09 33.85
C HIS B 338 -20.59 -49.67 34.78
N LYS B 339 -21.23 -50.74 34.32
CA LYS B 339 -22.25 -51.44 35.10
C LYS B 339 -22.52 -52.82 34.49
N PRO B 340 -23.07 -53.75 35.29
CA PRO B 340 -23.52 -55.02 34.74
C PRO B 340 -24.61 -54.80 33.69
N LYS B 341 -24.60 -55.57 32.61
CA LYS B 341 -25.51 -55.35 31.49
C LYS B 341 -26.98 -55.23 31.90
N ASN B 342 -27.40 -56.08 32.84
CA ASN B 342 -28.80 -56.09 33.25
C ASN B 342 -29.06 -55.31 34.54
N SER B 343 -28.11 -54.45 34.92
CA SER B 343 -28.35 -53.51 36.00
C SER B 343 -29.19 -52.37 35.47
N GLU B 344 -30.22 -51.99 36.22
CA GLU B 344 -31.10 -50.91 35.82
C GLU B 344 -30.79 -49.65 36.63
N GLU B 345 -29.73 -49.74 37.43
CA GLU B 345 -29.26 -48.61 38.23
C GLU B 345 -28.21 -47.81 37.47
N PRO B 346 -28.01 -46.53 37.87
CA PRO B 346 -27.00 -45.66 37.25
C PRO B 346 -25.61 -46.31 37.14
N TYR B 347 -24.85 -45.88 36.15
CA TYR B 347 -23.47 -46.32 35.96
C TYR B 347 -22.58 -45.93 37.15
N LYS B 348 -21.66 -46.83 37.51
CA LYS B 348 -20.56 -46.44 38.37
C LYS B 348 -19.52 -45.75 37.50
N GLU B 349 -18.75 -44.83 38.07
CA GLU B 349 -17.82 -44.03 37.28
C GLU B 349 -16.39 -44.07 37.79
N ILE B 350 -15.47 -44.35 36.88
CA ILE B 350 -14.05 -44.28 37.17
C ILE B 350 -13.50 -42.96 36.65
N ASP B 351 -13.03 -42.12 37.56
CA ASP B 351 -12.70 -40.75 37.22
C ASP B 351 -11.19 -40.53 37.01
N GLY B 352 -10.85 -39.45 36.33
CA GLY B 352 -9.46 -39.03 36.19
C GLY B 352 -8.59 -39.96 35.35
N ILE B 353 -9.10 -40.37 34.19
CA ILE B 353 -8.34 -41.24 33.29
C ILE B 353 -7.67 -40.42 32.20
N ALA B 354 -6.34 -40.38 32.24
CA ALA B 354 -5.56 -39.41 31.48
C ALA B 354 -5.15 -39.86 30.09
N THR B 355 -5.60 -41.04 29.67
CA THR B 355 -5.27 -41.55 28.34
C THR B 355 -6.51 -42.00 27.59
N THR B 356 -6.31 -42.53 26.39
CA THR B 356 -7.41 -43.04 25.58
C THR B 356 -7.48 -44.56 25.63
N ARG B 357 -6.85 -45.14 26.64
CA ARG B 357 -6.90 -46.57 26.89
C ARG B 357 -6.87 -46.85 28.39
N TYR B 358 -7.71 -47.77 28.85
CA TYR B 358 -7.79 -48.09 30.27
C TYR B 358 -8.30 -49.51 30.51
N SER B 359 -7.71 -50.17 31.51
CA SER B 359 -8.12 -51.52 31.90
C SER B 359 -9.01 -51.47 33.14
N VAL B 360 -10.28 -51.80 32.97
CA VAL B 360 -11.21 -51.86 34.10
C VAL B 360 -11.08 -53.22 34.80
N ALA B 361 -10.43 -53.23 35.95
CA ALA B 361 -10.24 -54.45 36.71
C ALA B 361 -11.30 -54.54 37.80
N GLY B 362 -11.31 -55.65 38.54
CA GLY B 362 -12.24 -55.82 39.64
C GLY B 362 -13.51 -56.55 39.23
N LEU B 363 -13.53 -57.05 38.01
CA LEU B 363 -14.72 -57.67 37.46
C LEU B 363 -14.84 -59.15 37.81
N SER B 364 -16.04 -59.69 37.64
CA SER B 364 -16.33 -61.09 37.93
C SER B 364 -16.24 -61.92 36.65
N PRO B 365 -15.81 -63.19 36.78
CA PRO B 365 -15.70 -64.10 35.63
C PRO B 365 -17.04 -64.35 34.95
N TYR B 366 -17.01 -64.46 33.62
CA TYR B 366 -18.19 -64.80 32.82
C TYR B 366 -19.38 -63.88 33.15
N SER B 367 -19.14 -62.57 33.06
CA SER B 367 -20.17 -61.60 33.37
C SER B 367 -20.30 -60.54 32.26
N ASP B 368 -21.53 -60.14 31.98
CA ASP B 368 -21.77 -59.13 30.95
C ASP B 368 -21.63 -57.73 31.53
N TYR B 369 -20.91 -56.86 30.81
CA TYR B 369 -20.67 -55.50 31.28
C TYR B 369 -20.93 -54.47 30.20
N GLU B 370 -21.38 -53.29 30.63
CA GLU B 370 -21.66 -52.18 29.73
C GLU B 370 -20.78 -50.98 30.08
N PHE B 371 -20.13 -50.41 29.06
CA PHE B 371 -19.20 -49.30 29.30
C PHE B 371 -19.54 -48.07 28.44
N ARG B 372 -19.32 -46.89 29.03
CA ARG B 372 -19.35 -45.62 28.29
C ARG B 372 -18.12 -44.82 28.68
N VAL B 373 -17.73 -43.87 27.81
CA VAL B 373 -16.64 -42.97 28.14
C VAL B 373 -17.10 -41.52 28.08
N VAL B 374 -16.66 -40.71 29.03
CA VAL B 374 -16.99 -39.30 29.06
C VAL B 374 -15.71 -38.46 29.00
N ALA B 375 -15.73 -37.38 28.22
CA ALA B 375 -14.57 -36.49 28.13
C ALA B 375 -14.74 -35.25 29.02
N VAL B 376 -13.63 -34.75 29.54
CA VAL B 376 -13.64 -33.54 30.35
C VAL B 376 -12.51 -32.58 29.95
N ASN B 377 -12.85 -31.31 29.71
CA ASN B 377 -11.82 -30.28 29.52
C ASN B 377 -11.97 -29.20 30.58
N ASN B 378 -11.20 -28.12 30.42
CA ASN B 378 -11.19 -27.04 31.41
C ASN B 378 -12.55 -26.38 31.59
N ILE B 379 -13.41 -26.53 30.59
CA ILE B 379 -14.76 -25.98 30.65
C ILE B 379 -15.63 -26.84 31.53
N GLY B 380 -15.59 -28.15 31.30
CA GLY B 380 -16.34 -29.08 32.11
C GLY B 380 -16.48 -30.48 31.50
N ARG B 381 -17.57 -31.14 31.86
CA ARG B 381 -17.81 -32.53 31.49
C ARG B 381 -18.83 -32.67 30.35
N GLY B 382 -18.42 -33.35 29.29
CA GLY B 382 -19.26 -33.50 28.11
C GLY B 382 -20.25 -34.64 28.22
N PRO B 383 -20.98 -34.93 27.13
CA PRO B 383 -21.93 -36.04 27.12
C PRO B 383 -21.21 -37.37 27.00
N ALA B 384 -21.83 -38.43 27.51
CA ALA B 384 -21.24 -39.75 27.44
C ALA B 384 -21.27 -40.32 26.03
N SER B 385 -20.32 -41.20 25.73
CA SER B 385 -20.28 -41.87 24.43
C SER B 385 -21.43 -42.87 24.30
N GLU B 386 -21.58 -43.43 23.12
CA GLU B 386 -22.50 -44.54 22.92
C GLU B 386 -21.89 -45.75 23.63
N PRO B 387 -22.73 -46.58 24.28
CA PRO B 387 -22.18 -47.66 25.11
C PRO B 387 -21.61 -48.84 24.31
N VAL B 388 -20.75 -49.62 24.96
CA VAL B 388 -20.25 -50.86 24.39
C VAL B 388 -20.56 -52.03 25.33
N LEU B 389 -21.01 -53.13 24.75
CA LEU B 389 -21.32 -54.34 25.52
C LEU B 389 -20.23 -55.39 25.33
N THR B 390 -19.92 -56.10 26.40
CA THR B 390 -18.90 -57.15 26.34
C THR B 390 -19.05 -58.11 27.51
N GLN B 391 -18.15 -59.09 27.58
CA GLN B 391 -18.25 -60.15 28.56
C GLN B 391 -16.85 -60.60 29.01
N THR B 392 -16.66 -60.70 30.32
CA THR B 392 -15.39 -61.17 30.87
C THR B 392 -15.19 -62.64 30.53
N SER B 393 -13.94 -63.08 30.55
CA SER B 393 -13.60 -64.45 30.21
C SER B 393 -14.05 -65.43 31.29
N GLU B 394 -14.08 -66.71 30.96
CA GLU B 394 -14.42 -67.75 31.91
C GLU B 394 -13.21 -68.20 32.71
N GLN B 395 -13.47 -68.82 33.85
CA GLN B 395 -12.46 -69.50 34.63
C GLN B 395 -12.92 -70.91 34.92
N ALA B 396 -12.03 -71.73 35.47
CA ALA B 396 -12.45 -72.99 36.06
C ALA B 396 -13.28 -72.64 37.29
N PRO B 397 -14.22 -73.51 37.67
CA PRO B 397 -14.99 -73.26 38.90
C PRO B 397 -14.07 -73.08 40.10
N SER B 398 -14.46 -72.24 41.04
CA SER B 398 -13.63 -71.96 42.21
C SER B 398 -14.28 -72.46 43.50
N SER B 399 -15.34 -73.25 43.35
CA SER B 399 -16.00 -73.88 44.48
C SER B 399 -16.48 -75.28 44.08
N ALA B 400 -16.56 -76.17 45.06
CA ALA B 400 -16.97 -77.55 44.81
C ALA B 400 -18.47 -77.66 44.66
N PRO B 401 -18.95 -78.74 44.00
CA PRO B 401 -20.38 -79.04 43.99
C PRO B 401 -20.92 -79.17 45.42
N ARG B 402 -22.12 -78.67 45.66
CA ARG B 402 -22.67 -78.65 47.01
C ARG B 402 -23.59 -79.84 47.29
N ASP B 403 -23.73 -80.15 48.57
CA ASP B 403 -24.65 -81.19 49.03
C ASP B 403 -24.50 -82.50 48.27
N VAL B 404 -23.26 -82.95 48.11
CA VAL B 404 -22.98 -84.21 47.44
C VAL B 404 -23.47 -85.38 48.27
N GLN B 405 -24.40 -86.15 47.70
CA GLN B 405 -25.00 -87.28 48.40
C GLN B 405 -24.93 -88.54 47.56
N ALA B 406 -24.82 -89.68 48.22
CA ALA B 406 -24.79 -90.97 47.55
C ALA B 406 -25.53 -91.99 48.38
N ARG B 407 -26.30 -92.85 47.71
CA ARG B 407 -27.04 -93.88 48.42
C ARG B 407 -27.10 -95.18 47.60
N MET B 408 -27.16 -96.30 48.32
CA MET B 408 -27.21 -97.62 47.70
C MET B 408 -28.49 -97.81 46.91
N LEU B 409 -28.35 -98.37 45.71
CA LEU B 409 -29.51 -98.83 44.95
C LEU B 409 -29.55 -100.35 45.01
N SER B 410 -28.42 -100.96 44.67
CA SER B 410 -28.22 -102.40 44.82
C SER B 410 -26.86 -102.67 45.44
N SER B 411 -26.52 -103.94 45.60
CA SER B 411 -25.20 -104.31 46.12
C SER B 411 -24.09 -103.95 45.14
N THR B 412 -24.46 -103.54 43.93
CA THR B 412 -23.48 -103.24 42.89
C THR B 412 -23.64 -101.83 42.28
N THR B 413 -24.71 -101.12 42.65
CA THR B 413 -24.97 -99.80 42.09
C THR B 413 -25.32 -98.76 43.16
N ILE B 414 -24.85 -97.53 42.95
CA ILE B 414 -25.19 -96.42 43.83
C ILE B 414 -25.77 -95.25 43.04
N LEU B 415 -26.45 -94.34 43.75
CA LEU B 415 -27.01 -93.14 43.15
C LEU B 415 -26.33 -91.89 43.73
N VAL B 416 -25.59 -91.18 42.89
CA VAL B 416 -24.86 -89.99 43.33
C VAL B 416 -25.53 -88.72 42.80
N GLN B 417 -25.75 -87.75 43.69
CA GLN B 417 -26.34 -86.48 43.29
C GLN B 417 -25.68 -85.31 44.00
N TRP B 418 -25.87 -84.11 43.44
CA TRP B 418 -25.20 -82.93 43.92
C TRP B 418 -25.94 -81.67 43.47
N LYS B 419 -25.48 -80.52 43.95
CA LYS B 419 -26.01 -79.24 43.50
C LYS B 419 -24.88 -78.44 42.84
N GLU B 420 -25.26 -77.55 41.93
CA GLU B 420 -24.29 -76.74 41.19
C GLU B 420 -23.42 -75.93 42.13
N PRO B 421 -22.11 -75.87 41.85
CA PRO B 421 -21.20 -75.02 42.64
C PRO B 421 -21.62 -73.56 42.60
N GLU B 422 -21.45 -72.85 43.71
CA GLU B 422 -21.87 -71.46 43.81
C GLU B 422 -20.99 -70.53 42.99
N GLU B 423 -19.78 -70.99 42.66
CA GLU B 423 -18.85 -70.20 41.87
C GLU B 423 -18.40 -70.94 40.61
N PRO B 424 -19.31 -71.08 39.63
CA PRO B 424 -18.97 -71.80 38.39
C PRO B 424 -17.99 -71.03 37.52
N ASN B 425 -18.05 -69.70 37.56
CA ASN B 425 -17.17 -68.83 36.77
C ASN B 425 -17.26 -69.07 35.26
N GLY B 426 -18.39 -69.62 34.84
CA GLY B 426 -18.60 -69.97 33.44
C GLY B 426 -19.68 -71.03 33.28
N GLN B 427 -19.87 -71.47 32.04
CA GLN B 427 -20.85 -72.53 31.77
C GLN B 427 -20.31 -73.89 32.19
N ILE B 428 -21.04 -74.56 33.07
CA ILE B 428 -20.69 -75.91 33.49
C ILE B 428 -20.87 -76.88 32.34
N GLN B 429 -19.74 -77.38 31.82
CA GLN B 429 -19.78 -78.30 30.69
C GLN B 429 -20.09 -79.71 31.17
N GLY B 430 -19.86 -79.95 32.45
CA GLY B 430 -20.14 -81.25 33.04
C GLY B 430 -19.50 -81.46 34.39
N TYR B 431 -19.63 -82.68 34.90
CA TYR B 431 -19.04 -83.04 36.18
C TYR B 431 -18.20 -84.30 36.05
N ARG B 432 -17.25 -84.49 36.97
CA ARG B 432 -16.51 -85.73 37.05
C ARG B 432 -16.65 -86.35 38.44
N VAL B 433 -17.19 -87.57 38.50
CA VAL B 433 -17.37 -88.26 39.76
C VAL B 433 -16.21 -89.21 40.02
N TYR B 434 -15.51 -89.00 41.12
CA TYR B 434 -14.41 -89.86 41.53
C TYR B 434 -14.88 -90.80 42.63
N TYR B 435 -14.53 -92.07 42.52
CA TYR B 435 -14.84 -93.03 43.58
C TYR B 435 -13.83 -94.16 43.66
N THR B 436 -13.75 -94.76 44.85
CA THR B 436 -12.76 -95.77 45.14
C THR B 436 -13.09 -96.54 46.43
N MET B 437 -12.40 -97.65 46.64
CA MET B 437 -12.49 -98.38 47.90
C MET B 437 -11.33 -98.00 48.82
N ASP B 438 -10.36 -97.30 48.24
CA ASP B 438 -9.19 -96.83 48.98
C ASP B 438 -9.01 -95.33 48.80
N PRO B 439 -9.55 -94.53 49.75
CA PRO B 439 -9.50 -93.06 49.65
C PRO B 439 -8.13 -92.47 49.95
N THR B 440 -7.14 -93.30 50.24
CA THR B 440 -5.78 -92.81 50.48
C THR B 440 -5.02 -92.60 49.17
N GLN B 441 -5.60 -93.12 48.09
CA GLN B 441 -5.01 -92.96 46.76
C GLN B 441 -5.10 -91.51 46.29
N HIS B 442 -4.21 -91.13 45.38
CA HIS B 442 -4.35 -89.86 44.68
C HIS B 442 -5.63 -89.94 43.85
N VAL B 443 -6.36 -88.83 43.77
CA VAL B 443 -7.68 -88.81 43.13
C VAL B 443 -7.61 -89.20 41.65
N ASN B 444 -6.46 -88.97 41.03
CA ASN B 444 -6.26 -89.33 39.63
C ASN B 444 -6.13 -90.84 39.45
N ASN B 445 -6.00 -91.56 40.55
CA ASN B 445 -5.94 -93.02 40.51
C ASN B 445 -7.22 -93.64 41.08
N TRP B 446 -8.18 -92.79 41.41
CA TRP B 446 -9.53 -93.25 41.72
C TRP B 446 -10.21 -93.64 40.41
N MET B 447 -11.31 -94.39 40.50
CA MET B 447 -12.13 -94.66 39.32
C MET B 447 -12.94 -93.40 39.03
N LYS B 448 -13.15 -93.12 37.75
CA LYS B 448 -13.79 -91.87 37.35
C LYS B 448 -14.99 -92.10 36.43
N HIS B 449 -15.99 -91.24 36.57
CA HIS B 449 -17.16 -91.29 35.71
C HIS B 449 -17.53 -89.88 35.24
N ASN B 450 -17.32 -89.62 33.95
CA ASN B 450 -17.62 -88.30 33.38
C ASN B 450 -19.08 -88.12 33.03
N VAL B 451 -19.64 -86.98 33.43
CA VAL B 451 -21.03 -86.66 33.14
C VAL B 451 -21.15 -85.24 32.55
N ALA B 452 -22.12 -85.03 31.67
CA ALA B 452 -22.41 -83.69 31.17
C ALA B 452 -23.09 -82.87 32.25
N ASP B 453 -23.60 -81.69 31.90
CA ASP B 453 -24.27 -80.84 32.88
C ASP B 453 -25.54 -81.49 33.41
N SER B 454 -25.47 -81.95 34.66
CA SER B 454 -26.56 -82.62 35.34
C SER B 454 -26.26 -82.68 36.83
N GLN B 455 -27.25 -83.11 37.62
CA GLN B 455 -27.11 -83.05 39.08
C GLN B 455 -27.22 -84.43 39.71
N ILE B 456 -27.32 -85.46 38.88
CA ILE B 456 -27.49 -86.81 39.39
C ILE B 456 -27.05 -87.87 38.36
N THR B 457 -26.44 -88.93 38.85
CA THR B 457 -26.00 -90.04 38.00
C THR B 457 -25.95 -91.36 38.79
N THR B 458 -26.03 -92.47 38.07
CA THR B 458 -25.88 -93.78 38.68
C THR B 458 -24.52 -94.37 38.34
N ILE B 459 -23.97 -95.12 39.30
CA ILE B 459 -22.70 -95.79 39.07
C ILE B 459 -22.83 -97.27 39.43
N GLY B 460 -22.64 -98.13 38.44
CA GLY B 460 -22.75 -99.56 38.64
C GLY B 460 -21.39 -100.25 38.67
N ASN B 461 -21.43 -101.57 38.56
CA ASN B 461 -20.23 -102.41 38.60
C ASN B 461 -19.37 -102.11 39.82
N LEU B 462 -20.03 -102.00 40.98
CA LEU B 462 -19.34 -101.88 42.25
C LEU B 462 -19.38 -103.23 42.96
N VAL B 463 -18.38 -103.48 43.80
CA VAL B 463 -18.31 -104.73 44.54
C VAL B 463 -18.99 -104.56 45.91
N PRO B 464 -19.94 -105.45 46.21
CA PRO B 464 -20.85 -105.39 47.38
C PRO B 464 -20.14 -105.42 48.73
N GLN B 465 -20.84 -104.89 49.74
CA GLN B 465 -20.37 -104.85 51.11
C GLN B 465 -19.02 -104.14 51.23
N LYS B 466 -18.90 -103.03 50.51
CA LYS B 466 -17.69 -102.21 50.53
C LYS B 466 -18.03 -100.74 50.76
N THR B 467 -17.15 -100.04 51.47
CA THR B 467 -17.26 -98.60 51.62
C THR B 467 -16.61 -97.91 50.44
N TYR B 468 -17.41 -97.15 49.69
CA TYR B 468 -16.91 -96.36 48.57
C TYR B 468 -16.86 -94.87 48.92
N SER B 469 -15.69 -94.28 48.72
CA SER B 469 -15.51 -92.85 48.92
C SER B 469 -15.81 -92.12 47.61
N VAL B 470 -16.61 -91.06 47.69
CA VAL B 470 -17.06 -90.36 46.49
C VAL B 470 -16.74 -88.86 46.52
N LYS B 471 -16.10 -88.39 45.46
CA LYS B 471 -15.79 -86.97 45.29
C LYS B 471 -16.28 -86.49 43.92
N VAL B 472 -16.78 -85.26 43.87
CA VAL B 472 -17.31 -84.70 42.63
C VAL B 472 -16.74 -83.30 42.36
N LEU B 473 -16.33 -83.07 41.12
CA LEU B 473 -15.94 -81.72 40.69
C LEU B 473 -16.77 -81.31 39.48
N ALA B 474 -16.83 -79.99 39.25
CA ALA B 474 -17.42 -79.47 38.04
C ALA B 474 -16.33 -78.90 37.15
N PHE B 475 -16.56 -78.87 35.84
CA PHE B 475 -15.59 -78.26 34.94
C PHE B 475 -16.25 -77.39 33.87
N THR B 476 -15.60 -76.27 33.59
CA THR B 476 -15.97 -75.40 32.47
C THR B 476 -15.04 -75.68 31.30
N SER B 477 -15.16 -74.88 30.25
CA SER B 477 -14.29 -75.06 29.10
C SER B 477 -12.85 -74.71 29.47
N ILE B 478 -12.68 -73.98 30.56
CA ILE B 478 -11.36 -73.56 31.01
C ILE B 478 -10.63 -74.70 31.72
N GLY B 479 -11.31 -75.35 32.66
CA GLY B 479 -10.72 -76.45 33.40
C GLY B 479 -11.56 -76.99 34.55
N ASP B 480 -10.99 -77.94 35.28
CA ASP B 480 -11.66 -78.58 36.41
C ASP B 480 -11.77 -77.66 37.62
N GLY B 481 -12.89 -77.75 38.32
CA GLY B 481 -13.08 -77.04 39.57
C GLY B 481 -12.61 -77.93 40.71
N PRO B 482 -12.69 -77.42 41.95
CA PRO B 482 -12.25 -78.19 43.12
C PRO B 482 -13.19 -79.35 43.45
N LEU B 483 -12.63 -80.40 44.04
CA LEU B 483 -13.39 -81.58 44.43
C LEU B 483 -14.12 -81.39 45.75
N SER B 484 -15.34 -81.91 45.83
CA SER B 484 -16.07 -81.94 47.08
C SER B 484 -15.34 -82.84 48.07
N SER B 485 -15.43 -82.50 49.36
CA SER B 485 -14.84 -83.34 50.40
C SER B 485 -15.52 -84.71 50.41
N ASP B 486 -14.77 -85.73 50.81
CA ASP B 486 -15.22 -87.11 50.74
C ASP B 486 -16.55 -87.38 51.45
N ILE B 487 -17.41 -88.14 50.77
CA ILE B 487 -18.55 -88.77 51.40
C ILE B 487 -18.41 -90.28 51.22
N GLN B 488 -19.09 -91.04 52.05
CA GLN B 488 -18.99 -92.50 51.98
C GLN B 488 -20.36 -93.14 51.75
N VAL B 489 -20.38 -94.16 50.92
CA VAL B 489 -21.59 -94.93 50.69
C VAL B 489 -21.25 -96.42 50.71
N ILE B 490 -22.07 -97.20 51.40
CA ILE B 490 -21.83 -98.63 51.56
C ILE B 490 -22.74 -99.46 50.66
N THR B 491 -22.14 -100.38 49.91
CA THR B 491 -22.90 -101.27 49.02
C THR B 491 -23.44 -102.47 49.79
#